data_5N0F
#
_entry.id   5N0F
#
_cell.length_a   85.050
_cell.length_b   86.400
_cell.length_c   103.650
_cell.angle_alpha   90.00
_cell.angle_beta   90.00
_cell.angle_gamma   90.00
#
_symmetry.space_group_name_H-M   'P 21 21 21'
#
loop_
_entity.id
_entity.type
_entity.pdbx_description
1 polymer Alpha-1,6-mannanase
2 non-polymer '[(3S,4R,5R)-4,5-dihydroxypiperidin-3-yl]methyl 1-thio-alpha-D-mannopyranoside'
3 water water
#
_entity_poly.entity_id   1
_entity_poly.type   'polypeptide(L)'
_entity_poly.pdbx_seq_one_letter_code
;MGSSHHHHHHSSGLEVLFQGPAYTASDGDTAMKAFNDTFWDPNAKMFWKDSKREKHQDFWVEAELWELVMDAYQHTSDPA
LKAELKTQIDDVYDGTVAKYGQDWTNNPFNDDIMWWAMGSARAYQITGNPRYLEAARDHFDFVYDTQWDEEFANGGIWWL
NSDHNTKNACINFPAAQAALYLYDITKDEHYLNAATKIFRWGKTMLTDGNGKVFDRIEIEHGAVPDATHYNQGTYIGSAV
GLYKATGNAVYLDDAVKAAKFTKNHLVDSNGVLNYEGPNGDLKGGKTILMRNLAHLQKTLDETGQYPEFSAEFDEWLAFN
IEMAWSHQNSDHIVDGNWAGQLLSGTYESWSSAAAVQALNGI
;
_entity_poly.pdbx_strand_id   A,B
#
loop_
_chem_comp.id
_chem_comp.type
_chem_comp.name
_chem_comp.formula
7K2 D-saccharide '[(3S,4R,5R)-4,5-dihydroxypiperidin-3-yl]methyl 1-thio-alpha-D-mannopyranoside' 'C12 H23 N O7 S'
#
# COMPACT_ATOMS: atom_id res chain seq x y z
N SER A 26 -32.69 -18.33 6.62
CA SER A 26 -31.48 -19.20 6.48
C SER A 26 -30.84 -19.06 5.11
N ASP A 27 -30.42 -17.86 4.71
CA ASP A 27 -29.79 -17.71 3.38
C ASP A 27 -28.54 -18.63 3.21
N GLY A 28 -27.75 -18.82 4.28
CA GLY A 28 -26.60 -19.76 4.23
C GLY A 28 -26.96 -21.21 3.93
N ASP A 29 -28.05 -21.67 4.55
CA ASP A 29 -28.62 -23.00 4.25
C ASP A 29 -29.09 -23.11 2.80
N THR A 30 -29.87 -22.13 2.36
CA THR A 30 -30.41 -22.10 0.98
C THR A 30 -29.27 -22.14 -0.05
N ALA A 31 -28.23 -21.34 0.22
CA ALA A 31 -27.09 -21.22 -0.70
C ALA A 31 -26.35 -22.54 -0.80
N MET A 32 -26.09 -23.19 0.35
CA MET A 32 -25.40 -24.47 0.37
C MET A 32 -26.18 -25.63 -0.26
N LYS A 33 -27.48 -25.71 0.01
CA LYS A 33 -28.35 -26.73 -0.61
C LYS A 33 -28.38 -26.62 -2.12
N ALA A 34 -28.43 -25.38 -2.61
CA ALA A 34 -28.46 -25.10 -4.06
C ALA A 34 -27.13 -25.49 -4.71
N PHE A 35 -26.01 -25.15 -4.04
CA PHE A 35 -24.65 -25.54 -4.49
C PHE A 35 -24.52 -27.07 -4.61
N ASN A 36 -25.02 -27.79 -3.60
CA ASN A 36 -25.01 -29.26 -3.66
C ASN A 36 -25.88 -29.76 -4.80
N ASP A 37 -27.09 -29.23 -4.90
CA ASP A 37 -28.02 -29.69 -5.96
C ASP A 37 -27.42 -29.51 -7.35
N THR A 38 -26.72 -28.40 -7.54
CA THR A 38 -26.18 -28.06 -8.86
C THR A 38 -24.88 -28.82 -9.19
N PHE A 39 -24.03 -29.02 -8.17
CA PHE A 39 -22.64 -29.45 -8.42
C PHE A 39 -22.21 -30.75 -7.75
N TRP A 40 -22.90 -31.24 -6.72
CA TRP A 40 -22.45 -32.48 -6.00
C TRP A 40 -22.80 -33.74 -6.78
N ASP A 41 -21.81 -34.62 -6.95
CA ASP A 41 -22.02 -35.96 -7.58
C ASP A 41 -22.02 -37.02 -6.47
N PRO A 42 -23.21 -37.52 -6.07
CA PRO A 42 -23.23 -38.55 -5.01
C PRO A 42 -22.66 -39.90 -5.44
N ASN A 43 -22.55 -40.15 -6.74
CA ASN A 43 -22.06 -41.45 -7.26
C ASN A 43 -20.50 -41.49 -7.12
N ALA A 44 -19.81 -40.50 -7.67
CA ALA A 44 -18.32 -40.37 -7.53
C ALA A 44 -17.82 -39.79 -6.17
N LYS A 45 -18.73 -39.18 -5.42
CA LYS A 45 -18.41 -38.45 -4.17
C LYS A 45 -17.33 -37.34 -4.38
N MET A 46 -17.57 -36.55 -5.41
CA MET A 46 -16.76 -35.37 -5.78
C MET A 46 -17.73 -34.32 -6.35
N PHE A 47 -17.33 -33.07 -6.30
CA PHE A 47 -18.04 -31.98 -6.99
C PHE A 47 -17.69 -32.02 -8.49
N TRP A 48 -18.70 -31.75 -9.32
CA TRP A 48 -18.50 -31.44 -10.74
C TRP A 48 -17.82 -30.07 -10.91
N LYS A 49 -17.03 -29.95 -11.98
CA LYS A 49 -16.35 -28.69 -12.27
C LYS A 49 -17.32 -27.60 -12.75
N ASP A 50 -18.35 -28.00 -13.50
CA ASP A 50 -19.43 -27.07 -13.91
C ASP A 50 -20.77 -27.79 -14.10
N SER A 51 -21.82 -27.02 -14.43
CA SER A 51 -23.18 -27.51 -14.49
C SER A 51 -23.48 -28.44 -15.67
N LYS A 52 -22.55 -28.58 -16.63
CA LYS A 52 -22.67 -29.62 -17.68
C LYS A 52 -22.41 -31.04 -17.14
N ARG A 53 -21.77 -31.16 -15.97
CA ARG A 53 -21.51 -32.44 -15.32
C ARG A 53 -20.74 -33.44 -16.25
N GLU A 54 -19.66 -32.93 -16.83
CA GLU A 54 -18.78 -33.68 -17.73
C GLU A 54 -17.43 -34.04 -17.11
N LYS A 55 -16.98 -33.28 -16.12
CA LYS A 55 -15.64 -33.37 -15.58
C LYS A 55 -15.68 -32.99 -14.10
N HIS A 56 -15.00 -33.74 -13.23
CA HIS A 56 -14.96 -33.41 -11.79
C HIS A 56 -13.89 -32.34 -11.49
N GLN A 57 -14.06 -31.69 -10.35
CA GLN A 57 -13.20 -30.58 -9.93
C GLN A 57 -11.72 -30.97 -9.78
N ASP A 58 -10.86 -29.98 -10.03
CA ASP A 58 -9.39 -30.13 -9.83
C ASP A 58 -9.07 -30.50 -8.37
N PHE A 59 -8.00 -31.28 -8.19
CA PHE A 59 -7.60 -31.81 -6.83
C PHE A 59 -7.45 -30.73 -5.76
N TRP A 60 -6.68 -29.67 -6.03
CA TRP A 60 -6.43 -28.65 -4.99
C TRP A 60 -7.73 -27.88 -4.65
N VAL A 61 -8.53 -27.57 -5.68
CA VAL A 61 -9.78 -26.86 -5.51
C VAL A 61 -10.79 -27.72 -4.71
N GLU A 62 -10.76 -29.03 -4.92
CA GLU A 62 -11.63 -29.93 -4.18
C GLU A 62 -11.43 -29.83 -2.64
N ALA A 63 -10.19 -29.57 -2.18
CA ALA A 63 -9.92 -29.38 -0.73
C ALA A 63 -10.61 -28.12 -0.20
N GLU A 64 -10.71 -27.10 -1.08
CA GLU A 64 -11.36 -25.84 -0.70
C GLU A 64 -12.88 -25.95 -0.67
N LEU A 65 -13.43 -26.76 -1.58
CA LEU A 65 -14.86 -27.11 -1.50
C LEU A 65 -15.15 -28.03 -0.26
N TRP A 66 -14.18 -28.85 0.12
CA TRP A 66 -14.29 -29.67 1.35
C TRP A 66 -14.42 -28.73 2.56
N GLU A 67 -13.55 -27.74 2.66
CA GLU A 67 -13.64 -26.74 3.73
C GLU A 67 -14.96 -25.95 3.68
N LEU A 68 -15.53 -25.69 2.49
CA LEU A 68 -16.84 -25.03 2.39
C LEU A 68 -17.92 -25.87 3.07
N VAL A 69 -17.91 -27.19 2.82
CA VAL A 69 -18.85 -28.11 3.49
C VAL A 69 -18.71 -28.05 5.02
N MET A 70 -17.48 -28.03 5.49
CA MET A 70 -17.17 -27.88 6.92
C MET A 70 -17.71 -26.56 7.47
N ASP A 71 -17.51 -25.45 6.75
CA ASP A 71 -17.99 -24.15 7.22
C ASP A 71 -19.53 -24.08 7.29
N ALA A 72 -20.21 -24.69 6.32
CA ALA A 72 -21.69 -24.74 6.33
C ALA A 72 -22.17 -25.61 7.50
N TYR A 73 -21.50 -26.74 7.74
CA TYR A 73 -21.74 -27.57 8.92
C TYR A 73 -21.69 -26.75 10.24
N GLN A 74 -20.65 -25.92 10.40
CA GLN A 74 -20.48 -25.10 11.63
CA GLN A 74 -20.46 -25.11 11.63
C GLN A 74 -21.45 -23.92 11.70
N HIS A 75 -21.90 -23.41 10.54
CA HIS A 75 -22.81 -22.25 10.49
C HIS A 75 -24.29 -22.60 10.73
N THR A 76 -24.76 -23.74 10.20
CA THR A 76 -26.20 -24.05 10.21
C THR A 76 -26.76 -24.37 11.61
N SER A 77 -28.06 -24.13 11.84
CA SER A 77 -28.72 -24.62 13.08
C SER A 77 -29.98 -25.50 12.81
N ASP A 78 -30.04 -26.02 11.57
CA ASP A 78 -31.01 -27.03 11.17
C ASP A 78 -30.29 -28.34 11.43
N PRO A 79 -30.74 -29.12 12.42
CA PRO A 79 -30.01 -30.36 12.75
C PRO A 79 -30.05 -31.44 11.66
N ALA A 80 -31.10 -31.48 10.85
CA ALA A 80 -31.18 -32.45 9.72
C ALA A 80 -30.12 -32.13 8.62
N LEU A 81 -30.06 -30.87 8.18
CA LEU A 81 -29.02 -30.41 7.23
C LEU A 81 -27.63 -30.58 7.87
N LYS A 82 -27.51 -30.29 9.15
CA LYS A 82 -26.23 -30.44 9.86
C LYS A 82 -25.68 -31.88 9.82
N ALA A 83 -26.53 -32.86 10.08
CA ALA A 83 -26.13 -34.28 10.02
C ALA A 83 -25.78 -34.71 8.60
N GLU A 84 -26.54 -34.22 7.63
CA GLU A 84 -26.27 -34.45 6.21
C GLU A 84 -24.87 -33.91 5.80
N LEU A 85 -24.59 -32.68 6.18
CA LEU A 85 -23.28 -32.07 5.88
C LEU A 85 -22.13 -32.81 6.62
N LYS A 86 -22.35 -33.27 7.85
CA LYS A 86 -21.32 -34.03 8.56
C LYS A 86 -20.95 -35.34 7.84
N THR A 87 -21.95 -36.05 7.32
CA THR A 87 -21.70 -37.24 6.48
C THR A 87 -20.91 -36.86 5.20
N GLN A 88 -21.28 -35.73 4.60
CA GLN A 88 -20.60 -35.24 3.37
C GLN A 88 -19.10 -34.96 3.58
N ILE A 89 -18.72 -34.54 4.80
CA ILE A 89 -17.28 -34.36 5.14
C ILE A 89 -16.50 -35.65 4.87
N ASP A 90 -17.06 -36.79 5.31
CA ASP A 90 -16.42 -38.07 5.10
C ASP A 90 -16.49 -38.53 3.65
N ASP A 91 -17.61 -38.28 2.98
CA ASP A 91 -17.78 -38.68 1.56
C ASP A 91 -16.83 -37.96 0.61
N VAL A 92 -16.60 -36.67 0.85
CA VAL A 92 -15.66 -35.90 0.01
C VAL A 92 -14.28 -36.54 0.08
N TYR A 93 -13.83 -36.89 1.28
CA TYR A 93 -12.52 -37.53 1.45
C TYR A 93 -12.48 -38.90 0.73
N ASP A 94 -13.49 -39.72 0.96
CA ASP A 94 -13.58 -41.04 0.32
C ASP A 94 -13.51 -40.99 -1.23
N GLY A 95 -14.21 -40.02 -1.83
CA GLY A 95 -14.26 -39.94 -3.29
C GLY A 95 -12.90 -39.54 -3.85
N THR A 96 -12.22 -38.61 -3.17
CA THR A 96 -10.89 -38.16 -3.57
C THR A 96 -9.87 -39.28 -3.38
N VAL A 97 -9.94 -39.99 -2.26
CA VAL A 97 -9.04 -41.14 -2.02
C VAL A 97 -9.23 -42.27 -3.04
N ALA A 98 -10.47 -42.53 -3.45
CA ALA A 98 -10.72 -43.54 -4.48
C ALA A 98 -10.02 -43.22 -5.82
N LYS A 99 -9.92 -41.93 -6.19
CA LYS A 99 -9.30 -41.56 -7.47
C LYS A 99 -7.80 -41.25 -7.34
N TYR A 100 -7.39 -40.67 -6.20
CA TYR A 100 -6.01 -40.17 -6.06
C TYR A 100 -5.13 -40.92 -5.03
N GLY A 101 -5.70 -41.89 -4.32
CA GLY A 101 -5.00 -42.57 -3.24
C GLY A 101 -4.99 -41.80 -1.91
N GLN A 102 -4.48 -42.47 -0.87
CA GLN A 102 -4.27 -41.91 0.48
C GLN A 102 -2.95 -41.17 0.68
N ASP A 103 -1.93 -41.53 -0.08
CA ASP A 103 -0.60 -40.93 0.03
C ASP A 103 -0.46 -39.96 -1.13
N TRP A 104 -0.48 -38.66 -0.80
CA TRP A 104 -0.46 -37.59 -1.80
C TRP A 104 0.97 -37.10 -2.13
N THR A 105 2.00 -37.76 -1.60
CA THR A 105 3.39 -37.30 -1.74
C THR A 105 3.99 -37.64 -3.13
N ASN A 106 3.22 -38.34 -3.97
CA ASN A 106 3.52 -38.50 -5.40
C ASN A 106 3.09 -37.29 -6.26
N ASN A 107 2.36 -36.34 -5.66
CA ASN A 107 1.95 -35.13 -6.37
C ASN A 107 3.17 -34.16 -6.31
N PRO A 108 3.64 -33.66 -7.48
CA PRO A 108 4.78 -32.75 -7.47
C PRO A 108 4.54 -31.35 -6.89
N PHE A 109 3.26 -30.99 -6.69
CA PHE A 109 2.87 -29.66 -6.15
C PHE A 109 2.77 -29.71 -4.62
N ASN A 110 3.69 -29.01 -3.91
CA ASN A 110 3.64 -28.97 -2.44
C ASN A 110 2.39 -28.22 -1.93
N ASP A 111 1.94 -27.21 -2.70
CA ASP A 111 0.69 -26.51 -2.37
C ASP A 111 -0.55 -27.47 -2.40
N ASP A 112 -0.68 -28.27 -3.47
CA ASP A 112 -1.77 -29.30 -3.52
C ASP A 112 -1.76 -30.13 -2.24
N ILE A 113 -0.58 -30.64 -1.85
CA ILE A 113 -0.46 -31.49 -0.65
C ILE A 113 -0.93 -30.73 0.58
N MET A 114 -0.48 -29.47 0.72
CA MET A 114 -0.74 -28.72 1.95
C MET A 114 -2.20 -28.27 2.05
N TRP A 115 -2.87 -28.02 0.92
CA TRP A 115 -4.29 -27.69 0.99
C TRP A 115 -5.07 -28.86 1.59
N TRP A 116 -4.73 -30.10 1.19
CA TRP A 116 -5.36 -31.31 1.72
C TRP A 116 -4.93 -31.59 3.19
N ALA A 117 -3.67 -31.30 3.55
CA ALA A 117 -3.22 -31.47 4.94
C ALA A 117 -4.01 -30.56 5.88
N MET A 118 -4.20 -29.29 5.48
CA MET A 118 -5.00 -28.35 6.23
C MET A 118 -6.47 -28.81 6.37
N GLY A 119 -7.06 -29.22 5.26
CA GLY A 119 -8.44 -29.76 5.28
C GLY A 119 -8.54 -30.94 6.22
N SER A 120 -7.54 -31.81 6.18
CA SER A 120 -7.56 -33.01 7.02
C SER A 120 -7.49 -32.64 8.52
N ALA A 121 -6.69 -31.63 8.88
CA ALA A 121 -6.64 -31.21 10.27
C ALA A 121 -8.03 -30.75 10.76
N ARG A 122 -8.73 -29.99 9.95
CA ARG A 122 -10.10 -29.54 10.27
C ARG A 122 -11.12 -30.68 10.38
N ALA A 123 -11.04 -31.64 9.46
CA ALA A 123 -11.90 -32.82 9.47
C ALA A 123 -11.68 -33.62 10.77
N TYR A 124 -10.45 -33.65 11.26
CA TYR A 124 -10.19 -34.29 12.54
C TYR A 124 -10.87 -33.54 13.69
N GLN A 125 -10.72 -32.22 13.72
CA GLN A 125 -11.40 -31.38 14.73
C GLN A 125 -12.89 -31.64 14.79
N ILE A 126 -13.55 -31.79 13.64
CA ILE A 126 -15.01 -31.99 13.54
C ILE A 126 -15.47 -33.43 13.85
N THR A 127 -14.77 -34.44 13.31
CA THR A 127 -15.21 -35.85 13.39
C THR A 127 -14.53 -36.70 14.48
N GLY A 128 -13.29 -36.38 14.84
CA GLY A 128 -12.49 -37.23 15.73
C GLY A 128 -11.95 -38.53 15.12
N ASN A 129 -12.09 -38.69 13.80
CA ASN A 129 -11.71 -39.94 13.14
C ASN A 129 -10.17 -39.89 12.95
N PRO A 130 -9.42 -40.86 13.52
CA PRO A 130 -7.97 -40.80 13.51
C PRO A 130 -7.30 -40.78 12.13
N ARG A 131 -7.97 -41.29 11.08
CA ARG A 131 -7.40 -41.25 9.74
C ARG A 131 -7.04 -39.80 9.32
N TYR A 132 -7.81 -38.83 9.82
CA TYR A 132 -7.63 -37.43 9.41
C TYR A 132 -6.41 -36.82 10.11
N LEU A 133 -6.18 -37.20 11.37
CA LEU A 133 -5.00 -36.72 12.10
C LEU A 133 -3.69 -37.25 11.46
N GLU A 134 -3.66 -38.54 11.11
CA GLU A 134 -2.51 -39.11 10.43
C GLU A 134 -2.29 -38.43 9.07
N ALA A 135 -3.37 -38.23 8.31
CA ALA A 135 -3.25 -37.57 7.02
C ALA A 135 -2.67 -36.17 7.15
N ALA A 136 -3.15 -35.39 8.13
CA ALA A 136 -2.68 -34.02 8.31
C ALA A 136 -1.19 -34.05 8.70
N ARG A 137 -0.87 -34.85 9.73
CA ARG A 137 0.47 -34.88 10.28
C ARG A 137 1.52 -35.40 9.30
N ASP A 138 1.22 -36.52 8.65
CA ASP A 138 2.17 -37.14 7.71
C ASP A 138 2.48 -36.23 6.53
N HIS A 139 1.45 -35.58 5.99
CA HIS A 139 1.64 -34.68 4.84
C HIS A 139 2.28 -33.37 5.21
N PHE A 140 1.92 -32.79 6.36
CA PHE A 140 2.61 -31.59 6.86
C PHE A 140 4.12 -31.86 7.02
N ASP A 141 4.42 -32.96 7.69
CA ASP A 141 5.81 -33.38 7.95
C ASP A 141 6.60 -33.55 6.67
N PHE A 142 6.02 -34.21 5.67
CA PHE A 142 6.74 -34.38 4.40
C PHE A 142 7.17 -33.00 3.83
N VAL A 143 6.22 -32.07 3.77
CA VAL A 143 6.49 -30.74 3.20
C VAL A 143 7.47 -29.92 4.06
N TYR A 144 7.13 -29.70 5.33
CA TYR A 144 7.96 -28.88 6.19
C TYR A 144 9.39 -29.43 6.42
N ASP A 145 9.49 -30.74 6.67
CA ASP A 145 10.78 -31.32 7.05
C ASP A 145 11.68 -31.47 5.81
N THR A 146 11.13 -31.65 4.60
CA THR A 146 11.98 -31.87 3.41
C THR A 146 12.00 -30.75 2.37
N GLN A 147 11.02 -29.82 2.41
CA GLN A 147 10.90 -28.76 1.40
C GLN A 147 11.18 -27.33 1.90
N TRP A 148 11.56 -27.19 3.17
CA TRP A 148 12.13 -25.94 3.70
C TRP A 148 13.59 -25.84 3.30
N ASP A 149 14.01 -24.66 2.82
CA ASP A 149 15.43 -24.41 2.49
C ASP A 149 15.87 -23.02 2.99
N GLU A 150 17.03 -22.98 3.66
CA GLU A 150 17.62 -21.73 4.22
C GLU A 150 18.50 -20.96 3.23
N GLU A 151 18.92 -21.62 2.16
CA GLU A 151 19.93 -21.04 1.27
C GLU A 151 19.33 -19.95 0.31
N PHE A 152 18.41 -20.34 -0.55
CA PHE A 152 17.78 -19.36 -1.45
C PHE A 152 16.77 -18.50 -0.68
N ALA A 153 16.92 -17.17 -0.80
CA ALA A 153 16.05 -16.16 -0.14
C ALA A 153 16.00 -16.27 1.37
N ASN A 154 17.06 -16.84 1.98
CA ASN A 154 17.20 -16.90 3.43
C ASN A 154 16.08 -17.66 4.19
N GLY A 155 15.37 -18.55 3.49
CA GLY A 155 14.29 -19.33 4.08
C GLY A 155 13.17 -19.68 3.08
N GLY A 156 12.07 -20.23 3.60
CA GLY A 156 10.87 -20.54 2.82
C GLY A 156 10.79 -21.98 2.25
N ILE A 157 9.54 -22.38 1.99
CA ILE A 157 9.17 -23.67 1.40
C ILE A 157 9.03 -23.54 -0.12
N TRP A 158 9.61 -24.49 -0.83
CA TRP A 158 9.51 -24.57 -2.29
C TRP A 158 8.06 -24.85 -2.77
N TRP A 159 7.69 -24.29 -3.93
CA TRP A 159 6.39 -24.59 -4.55
C TRP A 159 6.22 -26.06 -4.94
N LEU A 160 7.24 -26.64 -5.57
CA LEU A 160 7.20 -28.02 -6.06
C LEU A 160 8.23 -28.91 -5.35
N ASN A 161 7.97 -30.21 -5.29
CA ASN A 161 8.95 -31.19 -4.81
C ASN A 161 9.74 -31.89 -5.97
N SER A 162 9.43 -31.53 -7.22
CA SER A 162 10.20 -31.95 -8.41
C SER A 162 11.35 -30.93 -8.66
N ASP A 163 11.07 -29.81 -9.30
CA ASP A 163 12.10 -28.78 -9.55
C ASP A 163 12.01 -27.70 -8.47
N HIS A 164 13.16 -27.15 -8.07
CA HIS A 164 13.26 -26.13 -7.02
C HIS A 164 13.66 -24.75 -7.62
N ASN A 165 12.66 -24.04 -8.16
CA ASN A 165 12.85 -22.75 -8.86
C ASN A 165 12.17 -21.53 -8.19
N THR A 166 11.19 -21.77 -7.31
CA THR A 166 10.37 -20.67 -6.77
C THR A 166 9.79 -21.05 -5.39
N LYS A 167 9.63 -20.03 -4.53
CA LYS A 167 8.98 -20.18 -3.22
C LYS A 167 7.78 -19.25 -3.18
N ASN A 168 6.60 -19.80 -2.85
CA ASN A 168 5.33 -19.08 -3.16
C ASN A 168 4.42 -18.83 -1.96
N ALA A 169 3.64 -17.75 -2.03
CA ALA A 169 2.64 -17.45 -0.96
C ALA A 169 1.62 -18.60 -0.80
N CYS A 170 1.24 -19.23 -1.92
CA CYS A 170 0.21 -20.26 -1.94
C CYS A 170 0.59 -21.58 -1.29
N ILE A 171 1.89 -21.76 -0.97
CA ILE A 171 2.33 -22.87 -0.09
C ILE A 171 2.74 -22.35 1.28
N ASN A 172 3.46 -21.22 1.35
CA ASN A 172 3.97 -20.78 2.66
C ASN A 172 2.89 -20.39 3.67
N PHE A 173 1.91 -19.56 3.30
CA PHE A 173 0.89 -19.17 4.28
C PHE A 173 -0.08 -20.31 4.64
N PRO A 174 -0.54 -21.11 3.67
CA PRO A 174 -1.29 -22.34 4.02
C PRO A 174 -0.53 -23.30 4.94
N ALA A 175 0.79 -23.38 4.79
CA ALA A 175 1.61 -24.22 5.68
C ALA A 175 1.60 -23.68 7.13
N ALA A 176 1.73 -22.37 7.29
CA ALA A 176 1.58 -21.73 8.61
C ALA A 176 0.21 -22.02 9.21
N GLN A 177 -0.87 -21.88 8.41
CA GLN A 177 -2.23 -22.18 8.90
C GLN A 177 -2.36 -23.66 9.34
N ALA A 178 -1.82 -24.58 8.55
CA ALA A 178 -1.89 -26.01 8.89
C ALA A 178 -1.17 -26.30 10.21
N ALA A 179 0.03 -25.72 10.38
CA ALA A 179 0.79 -25.82 11.66
C ALA A 179 -0.01 -25.31 12.84
N LEU A 180 -0.74 -24.22 12.64
CA LEU A 180 -1.56 -23.67 13.74
C LEU A 180 -2.73 -24.61 14.11
N TYR A 181 -3.41 -25.18 13.13
CA TYR A 181 -4.42 -26.23 13.44
C TYR A 181 -3.79 -27.44 14.23
N LEU A 182 -2.65 -27.92 13.78
CA LEU A 182 -1.97 -29.05 14.43
C LEU A 182 -1.53 -28.70 15.86
N TYR A 183 -1.10 -27.45 16.08
CA TYR A 183 -0.78 -26.98 17.44
C TYR A 183 -2.04 -26.98 18.32
N ASP A 184 -3.17 -26.53 17.79
CA ASP A 184 -4.43 -26.48 18.56
C ASP A 184 -4.86 -27.92 18.96
N ILE A 185 -4.69 -28.87 18.04
CA ILE A 185 -5.08 -30.25 18.28
C ILE A 185 -4.17 -30.92 19.32
N THR A 186 -2.85 -30.79 19.12
CA THR A 186 -1.83 -31.54 19.86
C THR A 186 -1.18 -30.87 21.07
N LYS A 187 -1.16 -29.54 21.07
CA LYS A 187 -0.38 -28.74 22.04
C LYS A 187 1.14 -28.96 21.99
N ASP A 188 1.63 -29.54 20.90
CA ASP A 188 3.05 -29.80 20.72
C ASP A 188 3.71 -28.53 20.18
N GLU A 189 4.64 -27.95 20.93
CA GLU A 189 5.26 -26.67 20.55
C GLU A 189 5.99 -26.74 19.21
N HIS A 190 6.35 -27.94 18.77
CA HIS A 190 6.92 -28.13 17.42
C HIS A 190 6.13 -27.38 16.35
N TYR A 191 4.80 -27.45 16.44
CA TYR A 191 3.95 -26.86 15.41
C TYR A 191 3.83 -25.35 15.53
N LEU A 192 3.80 -24.85 16.78
CA LEU A 192 3.80 -23.40 16.98
C LEU A 192 5.14 -22.76 16.51
N ASN A 193 6.25 -23.42 16.83
CA ASN A 193 7.58 -22.99 16.35
C ASN A 193 7.67 -22.93 14.81
N ALA A 194 7.12 -23.96 14.14
CA ALA A 194 7.03 -23.98 12.68
C ALA A 194 6.21 -22.82 12.12
N ALA A 195 5.02 -22.63 12.68
CA ALA A 195 4.16 -21.52 12.21
C ALA A 195 4.86 -20.14 12.34
N THR A 196 5.49 -19.92 13.49
CA THR A 196 6.19 -18.66 13.77
C THR A 196 7.32 -18.41 12.77
N LYS A 197 8.11 -19.45 12.51
CA LYS A 197 9.25 -19.39 11.55
C LYS A 197 8.81 -19.15 10.11
N ILE A 198 7.83 -19.90 9.64
CA ILE A 198 7.27 -19.74 8.28
C ILE A 198 6.68 -18.34 8.10
N PHE A 199 5.84 -17.91 9.06
CA PHE A 199 5.18 -16.60 8.94
C PHE A 199 6.21 -15.45 8.97
N ARG A 200 7.20 -15.49 9.88
CA ARG A 200 8.23 -14.45 9.91
CA ARG A 200 8.23 -14.44 9.92
C ARG A 200 8.92 -14.32 8.56
N TRP A 201 9.30 -15.45 7.98
CA TRP A 201 9.94 -15.46 6.66
C TRP A 201 9.00 -14.82 5.59
N GLY A 202 7.75 -15.28 5.59
CA GLY A 202 6.78 -14.82 4.60
C GLY A 202 6.49 -13.32 4.69
N LYS A 203 6.28 -12.81 5.91
CA LYS A 203 6.08 -11.37 6.10
C LYS A 203 7.27 -10.54 5.53
N THR A 204 8.48 -11.01 5.83
CA THR A 204 9.69 -10.33 5.40
C THR A 204 9.97 -10.41 3.89
N MET A 205 9.82 -11.59 3.28
CA MET A 205 10.21 -11.82 1.86
CA MET A 205 10.22 -11.82 1.87
C MET A 205 9.06 -11.78 0.85
N LEU A 206 7.83 -12.09 1.29
CA LEU A 206 6.63 -12.14 0.43
C LEU A 206 5.57 -11.06 0.75
N THR A 207 5.95 -9.98 1.44
CA THR A 207 5.07 -8.79 1.56
C THR A 207 5.88 -7.51 1.50
N ASP A 208 5.17 -6.36 1.30
CA ASP A 208 5.83 -5.04 1.36
C ASP A 208 5.93 -4.42 2.76
N GLY A 209 5.47 -5.15 3.77
CA GLY A 209 5.41 -4.61 5.15
C GLY A 209 4.18 -3.74 5.46
N ASN A 210 3.36 -3.41 4.45
CA ASN A 210 2.09 -2.71 4.63
C ASN A 210 0.86 -3.45 4.10
N GLY A 211 0.95 -4.79 4.06
CA GLY A 211 -0.18 -5.65 3.78
C GLY A 211 -0.40 -6.16 2.38
N LYS A 212 0.46 -5.76 1.44
CA LYS A 212 0.44 -6.28 0.06
C LYS A 212 1.24 -7.55 0.02
N VAL A 213 0.57 -8.67 -0.31
CA VAL A 213 1.19 -10.00 -0.32
C VAL A 213 1.63 -10.35 -1.76
N PHE A 214 2.90 -10.70 -1.92
CA PHE A 214 3.52 -10.99 -3.23
C PHE A 214 3.25 -12.44 -3.60
N ASP A 215 3.08 -12.72 -4.90
CA ASP A 215 2.78 -14.08 -5.34
C ASP A 215 3.89 -15.06 -5.00
N ARG A 216 5.15 -14.65 -5.24
CA ARG A 216 6.29 -15.62 -5.16
C ARG A 216 7.66 -14.91 -5.25
N ILE A 217 8.71 -15.66 -4.94
CA ILE A 217 10.07 -15.23 -5.16
C ILE A 217 10.76 -16.31 -6.02
N GLU A 218 11.26 -15.89 -7.18
CA GLU A 218 11.88 -16.78 -8.18
C GLU A 218 13.38 -16.70 -8.22
N ILE A 219 14.01 -17.86 -8.26
CA ILE A 219 15.47 -17.95 -8.29
C ILE A 219 15.96 -17.35 -9.61
N GLU A 220 17.04 -16.58 -9.54
CA GLU A 220 17.61 -15.83 -10.67
C GLU A 220 16.80 -14.63 -11.09
N HIS A 221 15.76 -14.24 -10.34
CA HIS A 221 14.94 -13.08 -10.70
C HIS A 221 14.65 -12.21 -9.48
N GLY A 222 14.04 -12.78 -8.45
CA GLY A 222 13.60 -12.01 -7.28
C GLY A 222 12.08 -12.07 -7.11
N ALA A 223 11.54 -11.18 -6.27
CA ALA A 223 10.11 -11.15 -5.97
C ALA A 223 9.27 -10.82 -7.21
N VAL A 224 8.13 -11.50 -7.36
CA VAL A 224 7.08 -11.15 -8.33
C VAL A 224 5.90 -10.56 -7.51
N PRO A 225 5.78 -9.23 -7.46
CA PRO A 225 4.88 -8.52 -6.56
C PRO A 225 3.42 -8.34 -7.03
N ASP A 226 2.85 -9.44 -7.50
CA ASP A 226 1.48 -9.49 -8.01
C ASP A 226 0.59 -10.01 -6.86
N ALA A 227 -0.37 -9.20 -6.42
CA ALA A 227 -1.28 -9.58 -5.34
C ALA A 227 -2.57 -10.21 -5.87
N THR A 228 -3.12 -11.17 -5.11
CA THR A 228 -4.37 -11.87 -5.44
C THR A 228 -5.22 -12.14 -4.17
N HIS A 229 -6.49 -12.36 -4.39
CA HIS A 229 -7.44 -12.51 -3.24
C HIS A 229 -7.03 -13.65 -2.31
N TYR A 230 -6.73 -14.82 -2.89
CA TYR A 230 -6.47 -16.01 -2.03
C TYR A 230 -5.20 -15.93 -1.17
N ASN A 231 -4.19 -15.24 -1.66
CA ASN A 231 -2.95 -14.99 -0.91
C ASN A 231 -3.11 -13.90 0.17
N GLN A 232 -3.88 -12.86 -0.12
CA GLN A 232 -4.32 -11.94 0.97
C GLN A 232 -5.03 -12.76 2.07
N GLY A 233 -5.89 -13.68 1.64
CA GLY A 233 -6.65 -14.50 2.59
C GLY A 233 -5.88 -15.39 3.55
N THR A 234 -4.96 -16.17 3.02
CA THR A 234 -4.18 -17.12 3.86
C THR A 234 -3.14 -16.37 4.72
N TYR A 235 -2.62 -15.25 4.22
CA TYR A 235 -1.79 -14.35 5.07
C TYR A 235 -2.61 -13.84 6.29
N ILE A 236 -3.81 -13.35 6.02
CA ILE A 236 -4.70 -12.84 7.09
C ILE A 236 -5.06 -13.96 8.10
N GLY A 237 -5.42 -15.15 7.58
CA GLY A 237 -5.82 -16.27 8.48
C GLY A 237 -4.66 -16.74 9.38
N SER A 238 -3.47 -16.85 8.79
CA SER A 238 -2.30 -17.24 9.59
C SER A 238 -1.91 -16.15 10.62
N ALA A 239 -1.99 -14.87 10.26
CA ALA A 239 -1.71 -13.79 11.23
C ALA A 239 -2.72 -13.79 12.40
N VAL A 240 -4.02 -13.97 12.11
CA VAL A 240 -5.02 -14.04 13.16
C VAL A 240 -4.75 -15.27 14.09
N GLY A 241 -4.46 -16.42 13.49
CA GLY A 241 -4.12 -17.63 14.28
C GLY A 241 -2.88 -17.43 15.19
N LEU A 242 -1.87 -16.75 14.66
CA LEU A 242 -0.68 -16.44 15.47
C LEU A 242 -0.95 -15.46 16.61
N TYR A 243 -1.81 -14.46 16.37
CA TYR A 243 -2.28 -13.55 17.44
C TYR A 243 -2.91 -14.32 18.59
N LYS A 244 -3.83 -15.23 18.25
CA LYS A 244 -4.51 -16.02 19.26
C LYS A 244 -3.57 -16.96 20.04
N ALA A 245 -2.61 -17.58 19.35
CA ALA A 245 -1.74 -18.55 19.98
C ALA A 245 -0.62 -17.91 20.80
N THR A 246 -0.18 -16.70 20.45
CA THR A 246 0.99 -16.07 21.09
C THR A 246 0.72 -14.91 22.04
N GLY A 247 -0.43 -14.24 21.89
CA GLY A 247 -0.66 -12.99 22.61
C GLY A 247 0.16 -11.77 22.16
N ASN A 248 0.76 -11.84 20.97
CA ASN A 248 1.54 -10.71 20.44
C ASN A 248 0.63 -9.90 19.51
N ALA A 249 0.30 -8.67 19.94
CA ALA A 249 -0.55 -7.73 19.18
C ALA A 249 -0.04 -7.36 17.78
N VAL A 250 1.26 -7.51 17.56
CA VAL A 250 1.81 -7.22 16.20
C VAL A 250 1.11 -8.08 15.12
N TYR A 251 0.76 -9.32 15.48
CA TYR A 251 0.10 -10.21 14.47
C TYR A 251 -1.29 -9.71 14.08
N LEU A 252 -2.02 -9.13 15.04
CA LEU A 252 -3.32 -8.55 14.72
C LEU A 252 -3.15 -7.33 13.82
N ASP A 253 -2.17 -6.48 14.14
CA ASP A 253 -1.87 -5.35 13.29
CA ASP A 253 -1.83 -5.33 13.29
C ASP A 253 -1.54 -5.82 11.86
N ASP A 254 -0.76 -6.89 11.74
CA ASP A 254 -0.39 -7.47 10.41
C ASP A 254 -1.66 -7.82 9.58
N ALA A 255 -2.61 -8.49 10.24
CA ALA A 255 -3.86 -8.89 9.59
C ALA A 255 -4.72 -7.69 9.15
N VAL A 256 -4.82 -6.68 10.02
CA VAL A 256 -5.56 -5.46 9.67
C VAL A 256 -4.95 -4.76 8.46
N LYS A 257 -3.63 -4.63 8.41
CA LYS A 257 -3.01 -3.96 7.24
C LYS A 257 -3.30 -4.69 5.93
N ALA A 258 -3.29 -6.04 5.98
CA ALA A 258 -3.59 -6.83 4.76
C ALA A 258 -5.09 -6.78 4.36
N ALA A 259 -5.98 -6.65 5.34
CA ALA A 259 -7.41 -6.46 5.05
C ALA A 259 -7.70 -5.06 4.42
N LYS A 260 -7.06 -4.00 4.94
CA LYS A 260 -7.16 -2.65 4.36
C LYS A 260 -6.64 -2.61 2.94
N PHE A 261 -5.52 -3.29 2.72
CA PHE A 261 -4.98 -3.35 1.35
C PHE A 261 -5.99 -4.01 0.39
N THR A 262 -6.58 -5.12 0.82
CA THR A 262 -7.59 -5.82 0.01
C THR A 262 -8.77 -4.88 -0.30
N LYS A 263 -9.36 -4.29 0.74
CA LYS A 263 -10.53 -3.39 0.58
C LYS A 263 -10.28 -2.16 -0.30
N ASN A 264 -9.07 -1.61 -0.29
CA ASN A 264 -8.76 -0.38 -1.05
C ASN A 264 -8.22 -0.66 -2.44
N HIS A 265 -7.56 -1.81 -2.64
CA HIS A 265 -6.74 -2.04 -3.84
C HIS A 265 -7.05 -3.32 -4.65
N LEU A 266 -7.88 -4.24 -4.18
CA LEU A 266 -8.33 -5.41 -4.94
C LEU A 266 -9.88 -5.41 -5.21
N VAL A 267 -10.38 -4.20 -5.49
CA VAL A 267 -11.79 -3.90 -5.70
C VAL A 267 -11.95 -3.02 -6.95
N ASP A 268 -13.17 -3.01 -7.49
CA ASP A 268 -13.57 -2.11 -8.58
C ASP A 268 -13.85 -0.67 -8.08
N SER A 269 -14.27 0.23 -8.97
CA SER A 269 -14.50 1.65 -8.56
C SER A 269 -15.69 1.85 -7.61
N ASN A 270 -16.57 0.85 -7.49
CA ASN A 270 -17.65 0.89 -6.46
C ASN A 270 -17.33 0.15 -5.15
N GLY A 271 -16.12 -0.38 -5.01
CA GLY A 271 -15.73 -1.14 -3.80
C GLY A 271 -16.13 -2.61 -3.81
N VAL A 272 -16.62 -3.15 -4.94
CA VAL A 272 -16.93 -4.58 -5.04
C VAL A 272 -15.62 -5.36 -5.34
N LEU A 273 -15.35 -6.41 -4.59
CA LEU A 273 -14.17 -7.27 -4.86
C LEU A 273 -14.02 -7.64 -6.36
N ASN A 274 -12.80 -7.57 -6.88
CA ASN A 274 -12.49 -7.87 -8.29
C ASN A 274 -12.88 -9.24 -8.77
N TYR A 275 -13.02 -9.37 -10.10
CA TYR A 275 -13.10 -10.67 -10.77
C TYR A 275 -11.70 -10.98 -11.31
N GLU A 276 -11.14 -12.13 -10.94
CA GLU A 276 -9.76 -12.50 -11.29
C GLU A 276 -9.58 -13.47 -12.48
N GLY A 277 -10.59 -13.65 -13.31
CA GLY A 277 -10.48 -14.50 -14.53
C GLY A 277 -9.60 -13.76 -15.54
N PRO A 278 -9.15 -14.43 -16.62
CA PRO A 278 -9.64 -15.74 -17.00
C PRO A 278 -8.92 -16.97 -16.35
N ASN A 279 -7.81 -16.76 -15.63
CA ASN A 279 -7.09 -17.85 -14.99
C ASN A 279 -8.05 -18.71 -14.10
N GLY A 280 -8.11 -20.01 -14.38
CA GLY A 280 -9.03 -20.95 -13.71
C GLY A 280 -8.79 -21.14 -12.22
N ASP A 281 -7.53 -21.07 -11.80
CA ASP A 281 -7.17 -21.21 -10.37
C ASP A 281 -7.55 -19.96 -9.56
N LEU A 282 -7.45 -18.76 -10.15
CA LEU A 282 -7.79 -17.49 -9.46
C LEU A 282 -9.27 -17.12 -9.50
N LYS A 283 -10.05 -17.64 -10.48
CA LYS A 283 -11.45 -17.22 -10.61
C LYS A 283 -12.32 -17.35 -9.36
N GLY A 284 -12.07 -18.42 -8.60
CA GLY A 284 -12.79 -18.67 -7.33
C GLY A 284 -12.07 -18.28 -6.04
N GLY A 285 -11.05 -17.46 -6.18
CA GLY A 285 -10.19 -17.09 -5.04
C GLY A 285 -10.88 -16.33 -3.91
N LYS A 286 -11.94 -15.58 -4.25
CA LYS A 286 -12.79 -14.94 -3.24
C LYS A 286 -13.29 -15.93 -2.17
N THR A 287 -13.40 -17.22 -2.52
CA THR A 287 -13.86 -18.25 -1.55
C THR A 287 -12.89 -18.29 -0.35
N ILE A 288 -11.60 -18.40 -0.66
CA ILE A 288 -10.55 -18.43 0.36
C ILE A 288 -10.45 -17.08 1.11
N LEU A 289 -10.53 -15.97 0.38
CA LEU A 289 -10.47 -14.65 1.01
C LEU A 289 -11.61 -14.49 2.02
N MET A 290 -12.84 -14.78 1.62
CA MET A 290 -14.00 -14.61 2.51
C MET A 290 -13.91 -15.49 3.76
N ARG A 291 -13.43 -16.73 3.61
CA ARG A 291 -13.27 -17.64 4.75
C ARG A 291 -12.41 -17.00 5.84
N ASN A 292 -11.31 -16.37 5.41
CA ASN A 292 -10.34 -15.79 6.32
C ASN A 292 -10.72 -14.41 6.85
N LEU A 293 -11.38 -13.61 6.02
CA LEU A 293 -11.89 -12.32 6.49
C LEU A 293 -12.91 -12.52 7.65
N ALA A 294 -13.69 -13.58 7.59
CA ALA A 294 -14.62 -13.91 8.70
C ALA A 294 -13.85 -14.17 10.01
N HIS A 295 -12.71 -14.83 9.94
CA HIS A 295 -11.89 -15.00 11.18
C HIS A 295 -11.45 -13.66 11.78
N LEU A 296 -10.97 -12.73 10.96
CA LEU A 296 -10.58 -11.39 11.45
C LEU A 296 -11.79 -10.65 12.00
N GLN A 297 -12.93 -10.70 11.30
CA GLN A 297 -14.14 -10.04 11.80
C GLN A 297 -14.54 -10.54 13.22
N LYS A 298 -14.56 -11.85 13.41
CA LYS A 298 -14.85 -12.41 14.74
C LYS A 298 -13.85 -11.94 15.83
N THR A 299 -12.55 -12.00 15.53
CA THR A 299 -11.52 -11.56 16.51
C THR A 299 -11.67 -10.05 16.86
N LEU A 300 -11.96 -9.20 15.87
CA LEU A 300 -12.22 -7.77 16.17
C LEU A 300 -13.47 -7.54 17.01
N ASP A 301 -14.55 -8.29 16.71
CA ASP A 301 -15.81 -8.19 17.46
C ASP A 301 -15.56 -8.62 18.92
N GLU A 302 -14.83 -9.74 19.12
CA GLU A 302 -14.56 -10.27 20.48
C GLU A 302 -13.62 -9.43 21.35
N THR A 303 -12.55 -8.91 20.77
CA THR A 303 -11.54 -8.15 21.52
C THR A 303 -11.87 -6.66 21.63
N GLY A 304 -12.76 -6.16 20.77
CA GLY A 304 -12.99 -4.73 20.66
C GLY A 304 -11.81 -3.87 20.17
N GLN A 305 -10.80 -4.48 19.58
CA GLN A 305 -9.66 -3.74 19.05
C GLN A 305 -10.01 -3.13 17.68
N TYR A 306 -9.30 -2.07 17.31
CA TYR A 306 -9.53 -1.37 16.00
C TYR A 306 -11.01 -1.07 15.76
N PRO A 307 -11.69 -0.41 16.73
CA PRO A 307 -13.16 -0.24 16.59
C PRO A 307 -13.59 0.55 15.33
N GLU A 308 -12.83 1.60 14.96
CA GLU A 308 -13.16 2.39 13.78
C GLU A 308 -13.04 1.55 12.49
N PHE A 309 -11.91 0.86 12.31
CA PHE A 309 -11.76 -0.04 11.15
C PHE A 309 -12.82 -1.17 11.16
N SER A 310 -13.12 -1.70 12.34
CA SER A 310 -14.11 -2.78 12.45
C SER A 310 -15.49 -2.38 11.87
N ALA A 311 -15.92 -1.17 12.19
CA ALA A 311 -17.20 -0.66 11.68
C ALA A 311 -17.19 -0.49 10.16
N GLU A 312 -16.11 0.08 9.62
CA GLU A 312 -15.97 0.24 8.14
C GLU A 312 -15.91 -1.13 7.43
N PHE A 313 -15.14 -2.04 8.01
CA PHE A 313 -14.90 -3.40 7.48
C PHE A 313 -16.23 -4.15 7.45
N ASP A 314 -17.00 -4.12 8.56
CA ASP A 314 -18.30 -4.85 8.62
C ASP A 314 -19.28 -4.34 7.52
N GLU A 315 -19.29 -3.03 7.35
CA GLU A 315 -20.18 -2.38 6.37
C GLU A 315 -19.79 -2.72 4.94
N TRP A 316 -18.48 -2.70 4.67
CA TRP A 316 -17.95 -3.09 3.35
C TRP A 316 -18.22 -4.57 3.02
N LEU A 317 -18.06 -5.48 3.99
CA LEU A 317 -18.37 -6.89 3.78
C LEU A 317 -19.85 -7.09 3.44
N ALA A 318 -20.72 -6.49 4.25
CA ALA A 318 -22.17 -6.60 4.03
C ALA A 318 -22.60 -6.07 2.67
N PHE A 319 -22.00 -4.95 2.25
CA PHE A 319 -22.25 -4.38 0.90
C PHE A 319 -21.87 -5.39 -0.22
N ASN A 320 -20.69 -6.00 -0.07
CA ASN A 320 -20.23 -7.02 -1.01
C ASN A 320 -21.16 -8.25 -1.09
N ILE A 321 -21.58 -8.76 0.07
CA ILE A 321 -22.49 -9.91 0.11
C ILE A 321 -23.83 -9.59 -0.56
N GLU A 322 -24.40 -8.42 -0.26
CA GLU A 322 -25.67 -8.03 -0.86
C GLU A 322 -25.58 -7.83 -2.35
N MET A 323 -24.48 -7.21 -2.82
CA MET A 323 -24.33 -7.05 -4.26
C MET A 323 -24.21 -8.41 -4.97
N ALA A 324 -23.41 -9.31 -4.42
CA ALA A 324 -23.28 -10.67 -4.98
C ALA A 324 -24.62 -11.39 -5.09
N TRP A 325 -25.37 -11.42 -3.98
CA TRP A 325 -26.62 -12.14 -3.95
C TRP A 325 -27.73 -11.54 -4.79
N SER A 326 -27.65 -10.26 -5.11
CA SER A 326 -28.56 -9.61 -6.07
C SER A 326 -28.40 -10.10 -7.50
N HIS A 327 -27.28 -10.78 -7.81
CA HIS A 327 -27.02 -11.39 -9.12
C HIS A 327 -27.33 -12.89 -9.20
N GLN A 328 -27.98 -13.46 -8.17
CA GLN A 328 -28.33 -14.89 -8.18
C GLN A 328 -29.33 -15.19 -9.27
N ASN A 329 -29.25 -16.39 -9.82
CA ASN A 329 -30.28 -16.88 -10.76
C ASN A 329 -31.44 -17.53 -10.00
N SER A 330 -32.40 -18.11 -10.74
CA SER A 330 -33.61 -18.66 -10.12
C SER A 330 -33.36 -19.98 -9.37
N ASP A 331 -32.19 -20.61 -9.59
CA ASP A 331 -31.75 -21.75 -8.78
C ASP A 331 -30.87 -21.36 -7.56
N HIS A 332 -30.75 -20.06 -7.27
CA HIS A 332 -29.98 -19.53 -6.13
C HIS A 332 -28.47 -19.79 -6.24
N ILE A 333 -27.96 -19.73 -7.47
CA ILE A 333 -26.52 -19.81 -7.78
C ILE A 333 -26.02 -18.42 -8.25
N VAL A 334 -24.84 -18.03 -7.77
CA VAL A 334 -24.22 -16.73 -8.05
C VAL A 334 -22.88 -16.93 -8.74
N ASP A 335 -22.73 -16.39 -9.94
CA ASP A 335 -21.45 -16.45 -10.66
C ASP A 335 -20.41 -15.58 -9.93
N GLY A 336 -19.15 -15.91 -10.12
CA GLY A 336 -18.04 -15.19 -9.46
C GLY A 336 -17.76 -13.78 -9.91
N ASN A 337 -18.32 -13.38 -11.05
CA ASN A 337 -18.29 -11.96 -11.44
C ASN A 337 -19.45 -11.22 -10.70
N TRP A 338 -19.16 -10.84 -9.46
CA TRP A 338 -20.12 -10.21 -8.55
C TRP A 338 -20.66 -8.85 -9.00
N ALA A 339 -19.92 -8.15 -9.85
CA ALA A 339 -20.41 -6.90 -10.46
C ALA A 339 -21.34 -7.07 -11.68
N GLY A 340 -21.41 -8.29 -12.21
CA GLY A 340 -22.42 -8.59 -13.26
C GLY A 340 -22.79 -10.04 -13.30
N GLY A 345 -24.52 -19.57 -20.48
CA GLY A 345 -25.41 -20.14 -19.44
C GLY A 345 -24.81 -21.15 -18.46
N THR A 346 -23.57 -21.61 -18.69
CA THR A 346 -22.89 -22.57 -17.80
C THR A 346 -22.34 -21.98 -16.48
N TYR A 347 -22.71 -22.55 -15.32
CA TYR A 347 -22.14 -22.09 -14.04
C TYR A 347 -21.00 -23.03 -13.60
N GLU A 348 -19.97 -22.45 -12.96
CA GLU A 348 -18.80 -23.20 -12.55
C GLU A 348 -18.77 -23.31 -11.03
N SER A 349 -18.37 -24.49 -10.51
CA SER A 349 -18.38 -24.68 -9.04
C SER A 349 -17.35 -23.80 -8.26
N TRP A 350 -16.16 -23.60 -8.79
CA TRP A 350 -15.18 -22.78 -8.06
C TRP A 350 -15.58 -21.29 -8.05
N SER A 351 -15.86 -20.73 -9.23
CA SER A 351 -16.37 -19.35 -9.33
C SER A 351 -17.60 -19.06 -8.42
N SER A 352 -18.53 -20.03 -8.38
CA SER A 352 -19.82 -19.91 -7.64
C SER A 352 -19.75 -20.17 -6.14
N ALA A 353 -18.66 -20.81 -5.69
CA ALA A 353 -18.47 -21.11 -4.27
C ALA A 353 -18.34 -19.88 -3.38
N ALA A 354 -17.75 -18.79 -3.90
CA ALA A 354 -17.48 -17.62 -3.05
C ALA A 354 -18.71 -16.99 -2.42
N ALA A 355 -19.80 -16.92 -3.17
CA ALA A 355 -21.03 -16.36 -2.62
C ALA A 355 -21.66 -17.27 -1.50
N VAL A 356 -21.47 -18.58 -1.63
CA VAL A 356 -21.97 -19.54 -0.62
C VAL A 356 -21.10 -19.41 0.67
N GLN A 357 -19.80 -19.37 0.49
CA GLN A 357 -18.85 -19.16 1.62
C GLN A 357 -19.22 -17.87 2.39
N ALA A 358 -19.52 -16.82 1.65
CA ALA A 358 -19.82 -15.51 2.26
C ALA A 358 -21.03 -15.53 3.21
N LEU A 359 -21.99 -16.40 2.95
CA LEU A 359 -23.20 -16.59 3.82
C LEU A 359 -23.05 -17.66 4.93
N ASN A 360 -21.90 -18.35 4.95
CA ASN A 360 -21.59 -19.37 5.93
C ASN A 360 -20.35 -19.00 6.77
N GLY A 361 -20.23 -17.75 7.24
CA GLY A 361 -19.05 -17.28 7.99
C GLY A 361 -19.34 -16.78 9.42
N HIS B 5 24.58 27.51 -15.19
CA HIS B 5 23.95 26.65 -14.14
C HIS B 5 24.19 27.21 -12.71
N HIS B 6 24.20 26.36 -11.66
CA HIS B 6 24.01 26.84 -10.26
C HIS B 6 25.16 27.64 -9.64
N HIS B 7 24.83 28.64 -8.81
CA HIS B 7 25.82 29.46 -8.08
C HIS B 7 26.27 28.78 -6.74
N HIS B 8 27.47 29.15 -6.30
CA HIS B 8 28.08 28.62 -5.08
C HIS B 8 28.72 29.79 -4.29
N HIS B 9 28.88 29.61 -2.98
CA HIS B 9 29.50 30.63 -2.08
C HIS B 9 29.94 29.91 -0.78
N HIS B 10 31.14 30.20 -0.26
CA HIS B 10 31.57 29.78 1.11
C HIS B 10 30.45 29.90 2.16
N SER B 26 5.87 23.52 -25.74
CA SER B 26 5.72 22.40 -24.81
C SER B 26 4.45 22.52 -23.94
N ASP B 27 3.89 21.38 -23.57
CA ASP B 27 2.75 21.36 -22.64
C ASP B 27 3.13 22.06 -21.30
N GLY B 28 4.37 21.93 -20.83
CA GLY B 28 4.83 22.58 -19.63
C GLY B 28 4.81 24.11 -19.67
N ASP B 29 5.21 24.66 -20.81
CA ASP B 29 5.09 26.11 -21.09
C ASP B 29 3.62 26.56 -21.10
N THR B 30 2.78 25.84 -21.84
CA THR B 30 1.34 26.15 -21.93
C THR B 30 0.69 26.18 -20.53
N ALA B 31 1.03 25.16 -19.74
CA ALA B 31 0.45 25.01 -18.41
C ALA B 31 0.87 26.12 -17.47
N MET B 32 2.17 26.49 -17.50
CA MET B 32 2.69 27.58 -16.64
C MET B 32 2.14 28.95 -17.02
N LYS B 33 2.05 29.24 -18.33
CA LYS B 33 1.47 30.52 -18.79
C LYS B 33 0.03 30.67 -18.36
N ALA B 34 -0.73 29.58 -18.44
CA ALA B 34 -2.14 29.58 -18.08
C ALA B 34 -2.31 29.77 -16.55
N PHE B 35 -1.46 29.11 -15.77
CA PHE B 35 -1.44 29.28 -14.30
C PHE B 35 -1.16 30.74 -13.91
N ASN B 36 -0.19 31.36 -14.57
CA ASN B 36 0.11 32.78 -14.32
C ASN B 36 -1.09 33.65 -14.72
N ASP B 37 -1.62 33.42 -15.91
CA ASP B 37 -2.74 34.23 -16.40
C ASP B 37 -3.95 34.16 -15.47
N THR B 38 -4.20 32.99 -14.91
CA THR B 38 -5.35 32.77 -14.05
C THR B 38 -5.14 33.30 -12.60
N PHE B 39 -3.93 33.15 -12.08
CA PHE B 39 -3.69 33.31 -10.63
C PHE B 39 -2.66 34.37 -10.21
N TRP B 40 -1.79 34.83 -11.12
CA TRP B 40 -0.72 35.78 -10.72
C TRP B 40 -1.25 37.22 -10.59
N ASP B 41 -0.93 37.86 -9.47
CA ASP B 41 -1.24 39.29 -9.20
C ASP B 41 0.02 40.13 -9.40
N PRO B 42 0.14 40.83 -10.55
CA PRO B 42 1.34 41.63 -10.76
C PRO B 42 1.46 42.87 -9.87
N ASN B 43 0.35 43.31 -9.25
CA ASN B 43 0.38 44.50 -8.40
C ASN B 43 0.98 44.16 -7.03
N ALA B 44 0.41 43.17 -6.35
CA ALA B 44 0.91 42.68 -5.05
C ALA B 44 2.14 41.75 -5.14
N LYS B 45 2.44 41.22 -6.34
CA LYS B 45 3.50 40.22 -6.56
C LYS B 45 3.35 38.96 -5.68
N MET B 46 2.14 38.42 -5.69
CA MET B 46 1.77 37.17 -5.02
C MET B 46 0.70 36.46 -5.90
N PHE B 47 0.58 35.16 -5.74
CA PHE B 47 -0.52 34.40 -6.35
C PHE B 47 -1.81 34.60 -5.54
N TRP B 48 -2.93 34.73 -6.26
CA TRP B 48 -4.27 34.64 -5.68
C TRP B 48 -4.57 33.19 -5.25
N LYS B 49 -5.36 33.03 -4.19
CA LYS B 49 -5.76 31.72 -3.69
C LYS B 49 -6.74 31.03 -4.63
N ASP B 50 -7.63 31.81 -5.27
CA ASP B 50 -8.52 31.23 -6.31
C ASP B 50 -8.85 32.27 -7.39
N SER B 51 -9.62 31.83 -8.41
CA SER B 51 -9.87 32.64 -9.59
C SER B 51 -10.82 33.84 -9.36
N LYS B 52 -11.45 33.94 -8.18
CA LYS B 52 -12.20 35.15 -7.80
C LYS B 52 -11.31 36.33 -7.45
N ARG B 53 -10.03 36.07 -7.19
CA ARG B 53 -9.04 37.13 -6.91
C ARG B 53 -9.44 38.08 -5.76
N GLU B 54 -9.89 37.47 -4.64
CA GLU B 54 -10.26 38.17 -3.42
C GLU B 54 -9.27 38.02 -2.27
N LYS B 55 -8.50 36.94 -2.29
CA LYS B 55 -7.60 36.60 -1.16
C LYS B 55 -6.32 35.99 -1.73
N HIS B 56 -5.15 36.42 -1.22
CA HIS B 56 -3.86 35.85 -1.69
C HIS B 56 -3.56 34.52 -1.00
N GLN B 57 -2.68 33.76 -1.64
CA GLN B 57 -2.36 32.41 -1.17
C GLN B 57 -1.73 32.45 0.24
N ASP B 58 -1.97 31.34 0.96
CA ASP B 58 -1.40 31.15 2.33
C ASP B 58 0.15 31.19 2.26
N PHE B 59 0.77 31.69 3.34
CA PHE B 59 2.23 31.89 3.41
C PHE B 59 3.06 30.65 3.03
N TRP B 60 2.79 29.51 3.67
CA TRP B 60 3.60 28.32 3.43
C TRP B 60 3.42 27.78 2.00
N VAL B 61 2.19 27.82 1.49
CA VAL B 61 1.90 27.36 0.14
C VAL B 61 2.55 28.28 -0.89
N GLU B 62 2.65 29.57 -0.61
CA GLU B 62 3.29 30.51 -1.53
C GLU B 62 4.78 30.12 -1.79
N ALA B 63 5.47 29.53 -0.80
CA ALA B 63 6.86 29.06 -1.02
C ALA B 63 6.90 27.90 -2.03
N GLU B 64 5.84 27.09 -2.05
CA GLU B 64 5.74 25.95 -2.95
C GLU B 64 5.36 26.40 -4.37
N LEU B 65 4.56 27.45 -4.48
CA LEU B 65 4.34 28.12 -5.79
C LEU B 65 5.62 28.82 -6.29
N TRP B 66 6.42 29.34 -5.35
CA TRP B 66 7.74 29.94 -5.70
C TRP B 66 8.62 28.87 -6.35
N GLU B 67 8.71 27.70 -5.70
CA GLU B 67 9.48 26.60 -6.27
C GLU B 67 8.93 26.12 -7.63
N LEU B 68 7.60 26.21 -7.83
CA LEU B 68 7.01 25.86 -9.15
C LEU B 68 7.53 26.80 -10.23
N VAL B 69 7.58 28.10 -9.94
CA VAL B 69 8.16 29.08 -10.88
C VAL B 69 9.63 28.70 -11.24
N MET B 70 10.40 28.34 -10.22
CA MET B 70 11.78 27.89 -10.41
C MET B 70 11.86 26.64 -11.28
N ASP B 71 10.99 25.67 -11.06
CA ASP B 71 11.02 24.42 -11.84
C ASP B 71 10.64 24.67 -13.31
N ALA B 72 9.68 25.58 -13.56
CA ALA B 72 9.33 25.94 -14.95
C ALA B 72 10.49 26.66 -15.63
N TYR B 73 11.16 27.55 -14.90
CA TYR B 73 12.39 28.20 -15.37
C TYR B 73 13.46 27.19 -15.84
N GLN B 74 13.71 26.15 -15.06
CA GLN B 74 14.72 25.10 -15.36
C GLN B 74 14.25 24.14 -16.46
N HIS B 75 12.94 23.96 -16.63
CA HIS B 75 12.39 23.05 -17.65
C HIS B 75 12.32 23.67 -19.07
N THR B 76 11.96 24.95 -19.17
CA THR B 76 11.61 25.55 -20.49
C THR B 76 12.82 25.73 -21.42
N SER B 77 12.61 25.72 -22.74
CA SER B 77 13.66 26.13 -23.69
C SER B 77 13.21 27.26 -24.66
N ASP B 78 12.17 27.98 -24.25
CA ASP B 78 11.74 29.24 -24.83
C ASP B 78 12.53 30.29 -24.06
N PRO B 79 13.50 30.96 -24.70
CA PRO B 79 14.33 31.92 -23.94
C PRO B 79 13.57 33.16 -23.45
N ALA B 80 12.53 33.59 -24.17
CA ALA B 80 11.72 34.72 -23.74
C ALA B 80 10.90 34.41 -22.44
N LEU B 81 10.21 33.27 -22.43
CA LEU B 81 9.50 32.79 -21.23
C LEU B 81 10.50 32.54 -20.10
N LYS B 82 11.67 32.00 -20.43
CA LYS B 82 12.71 31.74 -19.42
C LYS B 82 13.15 33.01 -18.67
N ALA B 83 13.41 34.08 -19.42
CA ALA B 83 13.81 35.35 -18.82
C ALA B 83 12.66 35.98 -17.97
N GLU B 84 11.44 35.84 -18.47
CA GLU B 84 10.26 36.28 -17.73
C GLU B 84 10.10 35.53 -16.38
N LEU B 85 10.24 34.22 -16.42
CA LEU B 85 10.17 33.42 -15.17
C LEU B 85 11.32 33.74 -14.22
N LYS B 86 12.52 34.02 -14.74
CA LYS B 86 13.64 34.41 -13.86
C LYS B 86 13.35 35.71 -13.09
N THR B 87 12.75 36.69 -13.76
CA THR B 87 12.30 37.93 -13.10
C THR B 87 11.23 37.62 -12.02
N GLN B 88 10.31 36.72 -12.35
CA GLN B 88 9.24 36.30 -11.41
C GLN B 88 9.79 35.69 -10.11
N ILE B 89 10.93 35.00 -10.17
CA ILE B 89 11.57 34.44 -8.96
C ILE B 89 11.84 35.57 -7.94
N ASP B 90 12.36 36.69 -8.43
CA ASP B 90 12.64 37.83 -7.58
C ASP B 90 11.37 38.55 -7.13
N ASP B 91 10.38 38.67 -8.03
CA ASP B 91 9.10 39.33 -7.69
C ASP B 91 8.30 38.59 -6.61
N VAL B 92 8.30 37.27 -6.65
CA VAL B 92 7.57 36.49 -5.64
C VAL B 92 8.16 36.80 -4.26
N TYR B 93 9.49 36.81 -4.15
CA TYR B 93 10.15 37.15 -2.87
C TYR B 93 9.77 38.59 -2.41
N ASP B 94 9.90 39.55 -3.31
CA ASP B 94 9.57 40.94 -2.99
C ASP B 94 8.10 41.14 -2.46
N GLY B 95 7.16 40.44 -3.10
CA GLY B 95 5.77 40.60 -2.72
C GLY B 95 5.49 40.02 -1.35
N THR B 96 6.12 38.86 -1.07
CA THR B 96 5.99 38.21 0.23
C THR B 96 6.64 39.06 1.33
N VAL B 97 7.84 39.56 1.06
CA VAL B 97 8.52 40.46 2.00
C VAL B 97 7.72 41.75 2.29
N ALA B 98 7.10 42.33 1.27
CA ALA B 98 6.25 43.52 1.50
C ALA B 98 5.09 43.28 2.50
N LYS B 99 4.51 42.08 2.49
CA LYS B 99 3.36 41.79 3.37
C LYS B 99 3.77 41.17 4.71
N TYR B 100 4.83 40.35 4.70
CA TYR B 100 5.20 39.56 5.87
C TYR B 100 6.53 39.94 6.52
N GLY B 101 7.27 40.88 5.94
CA GLY B 101 8.59 41.25 6.43
C GLY B 101 9.70 40.31 5.93
N GLN B 102 10.94 40.72 6.22
CA GLN B 102 12.16 39.97 5.91
C GLN B 102 12.51 38.85 6.94
N ASP B 103 12.14 39.10 8.18
CA ASP B 103 12.41 38.20 9.28
C ASP B 103 11.14 37.41 9.58
N TRP B 104 11.16 36.12 9.27
CA TRP B 104 9.99 35.22 9.41
C TRP B 104 9.98 34.49 10.77
N THR B 105 10.90 34.82 11.67
CA THR B 105 11.04 34.09 12.94
C THR B 105 9.98 34.49 14.00
N ASN B 106 9.13 35.46 13.68
CA ASN B 106 7.91 35.76 14.46
C ASN B 106 6.71 34.87 14.09
N ASN B 107 6.85 34.02 13.08
CA ASN B 107 5.82 33.05 12.73
C ASN B 107 5.97 31.84 13.70
N PRO B 108 4.90 31.47 14.43
CA PRO B 108 5.00 30.32 15.35
C PRO B 108 5.19 28.93 14.71
N PHE B 109 4.96 28.82 13.39
CA PHE B 109 5.07 27.55 12.67
C PHE B 109 6.52 27.37 12.13
N ASN B 110 7.27 26.38 12.67
CA ASN B 110 8.64 26.12 12.22
C ASN B 110 8.64 25.58 10.76
N ASP B 111 7.58 24.84 10.40
CA ASP B 111 7.43 24.36 9.01
C ASP B 111 7.30 25.54 8.02
N ASP B 112 6.43 26.50 8.31
CA ASP B 112 6.32 27.73 7.47
C ASP B 112 7.71 28.33 7.22
N ILE B 113 8.47 28.52 8.29
CA ILE B 113 9.82 29.09 8.20
C ILE B 113 10.73 28.26 7.28
N MET B 114 10.71 26.95 7.46
CA MET B 114 11.61 26.06 6.72
C MET B 114 11.23 25.93 5.25
N TRP B 115 9.94 26.01 4.93
CA TRP B 115 9.56 25.97 3.50
C TRP B 115 10.19 27.17 2.79
N TRP B 116 10.17 28.35 3.43
CA TRP B 116 10.76 29.56 2.85
C TRP B 116 12.31 29.54 2.86
N ALA B 117 12.91 28.92 3.88
CA ALA B 117 14.38 28.75 3.91
C ALA B 117 14.87 27.90 2.75
N MET B 118 14.16 26.79 2.51
CA MET B 118 14.45 25.90 1.37
C MET B 118 14.30 26.65 0.04
N GLY B 119 13.19 27.36 -0.12
CA GLY B 119 12.97 28.14 -1.36
C GLY B 119 14.08 29.15 -1.56
N SER B 120 14.50 29.80 -0.46
CA SER B 120 15.52 30.83 -0.58
C SER B 120 16.89 30.23 -1.02
N ALA B 121 17.22 29.04 -0.52
CA ALA B 121 18.46 28.38 -0.94
C ALA B 121 18.46 28.13 -2.45
N ARG B 122 17.32 27.66 -2.99
CA ARG B 122 17.18 27.45 -4.45
C ARG B 122 17.26 28.74 -5.27
N ALA B 123 16.63 29.82 -4.78
CA ALA B 123 16.69 31.12 -5.42
C ALA B 123 18.17 31.60 -5.49
N TYR B 124 18.96 31.30 -4.47
CA TYR B 124 20.38 31.62 -4.52
C TYR B 124 21.12 30.83 -5.63
N GLN B 125 20.85 29.51 -5.67
CA GLN B 125 21.41 28.64 -6.71
C GLN B 125 21.14 29.18 -8.11
N ILE B 126 19.93 29.68 -8.35
CA ILE B 126 19.50 30.16 -9.68
C ILE B 126 20.02 31.58 -10.01
N THR B 127 19.90 32.52 -9.05
CA THR B 127 20.17 33.96 -9.32
C THR B 127 21.54 34.47 -8.89
N GLY B 128 22.14 33.86 -7.87
CA GLY B 128 23.39 34.32 -7.28
C GLY B 128 23.26 35.57 -6.42
N ASN B 129 22.03 35.99 -6.12
CA ASN B 129 21.80 37.22 -5.34
C ASN B 129 22.03 36.88 -3.87
N PRO B 130 23.02 37.54 -3.20
CA PRO B 130 23.35 37.17 -1.81
C PRO B 130 22.24 37.30 -0.78
N ARG B 131 21.22 38.12 -1.03
CA ARG B 131 20.09 38.25 -0.09
C ARG B 131 19.43 36.88 0.16
N TYR B 132 19.48 36.00 -0.84
CA TYR B 132 18.80 34.69 -0.74
C TYR B 132 19.61 33.73 0.12
N LEU B 133 20.95 33.80 0.02
CA LEU B 133 21.80 33.00 0.91
C LEU B 133 21.66 33.41 2.40
N GLU B 134 21.64 34.71 2.68
CA GLU B 134 21.39 35.17 4.04
C GLU B 134 20.00 34.71 4.55
N ALA B 135 18.97 34.84 3.70
CA ALA B 135 17.62 34.44 4.10
C ALA B 135 17.57 32.93 4.42
N ALA B 136 18.21 32.11 3.58
CA ALA B 136 18.18 30.67 3.79
C ALA B 136 18.92 30.32 5.07
N ARG B 137 20.13 30.85 5.20
CA ARG B 137 21.03 30.53 6.31
C ARG B 137 20.45 30.98 7.66
N ASP B 138 19.99 32.21 7.74
CA ASP B 138 19.47 32.76 8.99
C ASP B 138 18.25 31.99 9.50
N HIS B 139 17.35 31.66 8.57
CA HIS B 139 16.12 30.95 8.94
C HIS B 139 16.35 29.47 9.24
N PHE B 140 17.22 28.80 8.48
CA PHE B 140 17.62 27.44 8.81
C PHE B 140 18.23 27.38 10.21
N ASP B 141 19.17 28.27 10.47
CA ASP B 141 19.87 28.32 11.75
C ASP B 141 18.90 28.54 12.91
N PHE B 142 17.95 29.44 12.77
CA PHE B 142 16.98 29.66 13.85
C PHE B 142 16.28 28.35 14.23
N VAL B 143 15.76 27.66 13.20
CA VAL B 143 15.01 26.41 13.46
C VAL B 143 15.91 25.26 13.97
N TYR B 144 16.97 24.93 13.25
CA TYR B 144 17.86 23.84 13.63
C TYR B 144 18.57 24.06 14.98
N ASP B 145 19.09 25.25 15.22
CA ASP B 145 19.88 25.51 16.43
C ASP B 145 18.98 25.62 17.66
N THR B 146 17.73 26.10 17.52
CA THR B 146 16.86 26.31 18.71
C THR B 146 15.67 25.37 18.89
N GLN B 147 15.27 24.67 17.81
CA GLN B 147 14.06 23.82 17.82
C GLN B 147 14.33 22.30 17.70
N TRP B 148 15.61 21.92 17.52
CA TRP B 148 16.03 20.52 17.68
C TRP B 148 16.11 20.21 19.18
N ASP B 149 15.57 19.05 19.57
CA ASP B 149 15.51 18.66 20.99
C ASP B 149 15.74 17.16 21.14
N GLU B 150 16.59 16.78 22.10
CA GLU B 150 16.80 15.34 22.39
C GLU B 150 16.03 14.81 23.59
N GLU B 151 15.38 15.68 24.33
CA GLU B 151 14.65 15.27 25.55
C GLU B 151 13.35 14.50 25.31
N PHE B 152 12.73 14.66 24.12
CA PHE B 152 11.49 13.92 23.73
C PHE B 152 11.72 13.17 22.40
N ALA B 153 11.33 11.92 22.34
CA ALA B 153 11.37 11.07 21.12
C ALA B 153 12.76 10.88 20.55
N ASN B 154 13.79 10.92 21.40
CA ASN B 154 15.17 10.56 20.99
C ASN B 154 15.79 11.54 19.99
N GLY B 155 15.22 12.74 19.81
CA GLY B 155 15.68 13.69 18.75
C GLY B 155 14.50 14.38 18.03
N GLY B 156 14.81 15.06 16.94
CA GLY B 156 13.82 15.72 16.11
C GLY B 156 13.49 17.18 16.41
N ILE B 157 12.98 17.86 15.37
CA ILE B 157 12.57 19.27 15.43
C ILE B 157 11.06 19.37 15.76
N TRP B 158 10.74 20.26 16.68
CA TRP B 158 9.34 20.59 17.02
C TRP B 158 8.57 21.25 15.84
N TRP B 159 7.29 21.03 15.77
CA TRP B 159 6.42 21.67 14.74
C TRP B 159 6.32 23.18 14.93
N LEU B 160 6.12 23.61 16.18
CA LEU B 160 5.93 25.04 16.50
C LEU B 160 7.04 25.56 17.41
N ASN B 161 7.32 26.86 17.33
CA ASN B 161 8.21 27.53 18.27
C ASN B 161 7.47 28.22 19.46
N SER B 162 6.14 28.14 19.47
CA SER B 162 5.30 28.55 20.62
C SER B 162 5.14 27.34 21.60
N ASP B 163 4.22 26.42 21.33
CA ASP B 163 4.00 25.26 22.21
C ASP B 163 4.79 24.06 21.66
N HIS B 164 5.33 23.23 22.54
CA HIS B 164 6.12 22.05 22.16
C HIS B 164 5.35 20.75 22.50
N ASN B 165 4.41 20.38 21.60
CA ASN B 165 3.52 19.21 21.76
C ASN B 165 3.70 18.09 20.73
N THR B 166 4.35 18.38 19.61
CA THR B 166 4.45 17.47 18.50
C THR B 166 5.71 17.68 17.65
N LYS B 167 6.25 16.59 17.11
CA LYS B 167 7.36 16.66 16.12
C LYS B 167 6.90 16.01 14.82
N ASN B 168 7.05 16.72 13.69
CA ASN B 168 6.29 16.36 12.48
C ASN B 168 7.15 16.12 11.22
N ALA B 169 6.66 15.24 10.32
CA ALA B 169 7.36 15.02 9.05
C ALA B 169 7.48 16.32 8.22
N CYS B 170 6.44 17.17 8.29
CA CYS B 170 6.35 18.38 7.49
C CYS B 170 7.37 19.48 7.85
N ILE B 171 8.04 19.34 9.00
CA ILE B 171 9.21 20.16 9.35
C ILE B 171 10.51 19.36 9.22
N ASN B 172 10.53 18.13 9.70
CA ASN B 172 11.82 17.40 9.70
C ASN B 172 12.42 17.05 8.33
N PHE B 173 11.61 16.51 7.41
CA PHE B 173 12.20 16.19 6.09
C PHE B 173 12.52 17.43 5.23
N PRO B 174 11.66 18.47 5.24
CA PRO B 174 12.04 19.75 4.59
C PRO B 174 13.32 20.36 5.18
N ALA B 175 13.55 20.18 6.50
CA ALA B 175 14.79 20.66 7.13
C ALA B 175 16.03 19.92 6.59
N ALA B 176 15.93 18.59 6.44
CA ALA B 176 17.01 17.80 5.83
C ALA B 176 17.26 18.27 4.37
N GLN B 177 16.19 18.50 3.60
CA GLN B 177 16.34 19.02 2.22
C GLN B 177 17.02 20.37 2.18
N ALA B 178 16.61 21.30 3.05
CA ALA B 178 17.24 22.63 3.12
C ALA B 178 18.72 22.55 3.44
N ALA B 179 19.08 21.70 4.43
CA ALA B 179 20.50 21.45 4.79
C ALA B 179 21.31 20.93 3.59
N LEU B 180 20.69 20.06 2.79
CA LEU B 180 21.35 19.56 1.61
C LEU B 180 21.59 20.62 0.53
N TYR B 181 20.61 21.47 0.28
CA TYR B 181 20.85 22.63 -0.62
C TYR B 181 22.00 23.55 -0.12
N LEU B 182 21.99 23.86 1.19
CA LEU B 182 23.03 24.70 1.75
C LEU B 182 24.43 24.04 1.68
N TYR B 183 24.47 22.72 1.85
CA TYR B 183 25.73 21.96 1.65
C TYR B 183 26.23 22.06 0.19
N ASP B 184 25.31 21.93 -0.76
CA ASP B 184 25.69 21.98 -2.19
C ASP B 184 26.24 23.39 -2.54
N ILE B 185 25.65 24.43 -1.96
CA ILE B 185 26.04 25.81 -2.21
C ILE B 185 27.43 26.08 -1.61
N THR B 186 27.61 25.72 -0.32
CA THR B 186 28.74 26.15 0.51
C THR B 186 29.89 25.16 0.67
N LYS B 187 29.61 23.88 0.52
CA LYS B 187 30.55 22.80 0.86
C LYS B 187 30.96 22.76 2.36
N ASP B 188 30.19 23.41 3.23
CA ASP B 188 30.46 23.42 4.66
C ASP B 188 29.90 22.15 5.30
N GLU B 189 30.76 21.34 5.89
CA GLU B 189 30.37 20.04 6.50
C GLU B 189 29.26 20.18 7.52
N HIS B 190 29.14 21.34 8.18
CA HIS B 190 28.07 21.58 9.16
C HIS B 190 26.70 21.17 8.56
N TYR B 191 26.46 21.48 7.29
CA TYR B 191 25.15 21.23 6.69
C TYR B 191 24.95 19.79 6.29
N LEU B 192 26.01 19.11 5.87
CA LEU B 192 25.92 17.71 5.58
C LEU B 192 25.69 16.90 6.87
N ASN B 193 26.41 17.27 7.94
CA ASN B 193 26.21 16.64 9.26
C ASN B 193 24.77 16.82 9.78
N ALA B 194 24.20 18.02 9.62
CA ALA B 194 22.81 18.29 9.96
C ALA B 194 21.83 17.40 9.18
N ALA B 195 22.00 17.37 7.87
CA ALA B 195 21.12 16.54 7.03
C ALA B 195 21.16 15.04 7.44
N THR B 196 22.38 14.53 7.65
CA THR B 196 22.57 13.13 8.04
C THR B 196 21.86 12.84 9.37
N LYS B 197 22.05 13.72 10.34
CA LYS B 197 21.43 13.57 11.70
C LYS B 197 19.90 13.64 11.68
N ILE B 198 19.35 14.66 11.01
CA ILE B 198 17.88 14.81 10.87
C ILE B 198 17.27 13.60 10.15
N PHE B 199 17.85 13.20 9.01
CA PHE B 199 17.33 12.07 8.22
C PHE B 199 17.39 10.74 9.01
N ARG B 200 18.52 10.46 9.69
CA ARG B 200 18.63 9.23 10.49
C ARG B 200 17.53 9.17 11.54
N TRP B 201 17.32 10.30 12.24
CA TRP B 201 16.26 10.37 13.26
C TRP B 201 14.88 10.12 12.62
N GLY B 202 14.64 10.81 11.50
CA GLY B 202 13.36 10.72 10.81
C GLY B 202 13.03 9.35 10.28
N LYS B 203 14.01 8.67 9.70
CA LYS B 203 13.80 7.30 9.22
C LYS B 203 13.41 6.37 10.37
N THR B 204 14.11 6.51 11.49
CA THR B 204 13.88 5.67 12.66
C THR B 204 12.57 5.97 13.39
N MET B 205 12.21 7.25 13.59
CA MET B 205 11.06 7.63 14.42
CA MET B 205 11.06 7.64 14.42
C MET B 205 9.79 8.07 13.67
N LEU B 206 9.95 8.54 12.43
CA LEU B 206 8.82 8.98 11.57
C LEU B 206 8.53 8.08 10.33
N THR B 207 9.11 6.87 10.32
CA THR B 207 8.71 5.85 9.32
C THR B 207 8.64 4.48 9.97
N ASP B 208 8.03 3.53 9.27
CA ASP B 208 7.98 2.10 9.73
C ASP B 208 9.18 1.25 9.29
N GLY B 209 10.16 1.85 8.66
CA GLY B 209 11.28 1.09 8.04
C GLY B 209 10.99 0.43 6.68
N ASN B 210 9.76 0.56 6.18
CA ASN B 210 9.34 -0.04 4.91
C ASN B 210 8.85 1.00 3.88
N GLY B 211 9.14 2.29 4.11
CA GLY B 211 8.79 3.35 3.16
C GLY B 211 7.52 4.16 3.49
N LYS B 212 6.78 3.78 4.56
CA LYS B 212 5.61 4.55 5.00
C LYS B 212 6.05 5.65 5.97
N VAL B 213 5.78 6.90 5.62
CA VAL B 213 6.14 8.08 6.42
C VAL B 213 4.94 8.51 7.30
N PHE B 214 5.19 8.63 8.59
CA PHE B 214 4.14 8.99 9.59
C PHE B 214 3.96 10.51 9.63
N ASP B 215 2.75 10.99 9.91
CA ASP B 215 2.51 12.44 9.94
C ASP B 215 3.31 13.13 11.04
N ARG B 216 3.31 12.52 12.23
CA ARG B 216 3.88 13.18 13.43
C ARG B 216 3.96 12.23 14.64
N ILE B 217 4.68 12.67 15.67
CA ILE B 217 4.68 12.06 16.98
C ILE B 217 4.15 13.11 17.99
N GLU B 218 3.15 12.73 18.77
CA GLU B 218 2.54 13.58 19.81
C GLU B 218 2.95 13.19 21.21
N ILE B 219 3.29 14.21 21.99
CA ILE B 219 3.75 14.04 23.37
C ILE B 219 2.64 13.36 24.19
N GLU B 220 3.07 12.42 25.03
CA GLU B 220 2.23 11.54 25.86
C GLU B 220 1.21 10.68 25.06
N HIS B 221 1.55 10.40 23.80
CA HIS B 221 0.67 9.60 22.94
C HIS B 221 1.54 8.67 22.07
N GLY B 222 2.43 9.22 21.25
CA GLY B 222 3.17 8.43 20.28
C GLY B 222 2.89 8.81 18.83
N ALA B 223 3.29 7.93 17.92
CA ALA B 223 3.15 8.23 16.48
C ALA B 223 1.68 8.29 16.04
N VAL B 224 1.39 9.20 15.12
CA VAL B 224 0.14 9.22 14.34
C VAL B 224 0.50 8.80 12.92
N PRO B 225 0.23 7.52 12.55
CA PRO B 225 0.76 6.91 11.32
C PRO B 225 -0.14 7.11 10.09
N ASP B 226 -0.53 8.36 9.86
CA ASP B 226 -1.34 8.74 8.67
C ASP B 226 -0.36 9.25 7.61
N ALA B 227 -0.38 8.60 6.45
CA ALA B 227 0.57 8.94 5.38
C ALA B 227 -0.13 9.86 4.39
N THR B 228 0.66 10.78 3.80
CA THR B 228 0.17 11.75 2.81
C THR B 228 1.19 11.95 1.70
N HIS B 229 0.69 12.46 0.57
CA HIS B 229 1.56 12.63 -0.59
C HIS B 229 2.78 13.52 -0.30
N TYR B 230 2.55 14.68 0.34
CA TYR B 230 3.69 15.64 0.50
C TYR B 230 4.81 15.17 1.45
N ASN B 231 4.44 14.35 2.44
CA ASN B 231 5.45 13.75 3.36
C ASN B 231 6.21 12.57 2.72
N GLN B 232 5.53 11.75 1.91
CA GLN B 232 6.25 10.80 1.07
C GLN B 232 7.25 11.57 0.18
N GLY B 233 6.81 12.68 -0.37
CA GLY B 233 7.66 13.51 -1.25
C GLY B 233 8.96 14.06 -0.69
N THR B 234 8.86 14.71 0.46
CA THR B 234 10.06 15.31 1.09
C THR B 234 11.01 14.26 1.69
N TYR B 235 10.45 13.14 2.15
CA TYR B 235 11.28 11.98 2.55
C TYR B 235 12.07 11.45 1.33
N ILE B 236 11.39 11.27 0.20
CA ILE B 236 12.06 10.78 -1.01
C ILE B 236 13.13 11.78 -1.49
N GLY B 237 12.80 13.07 -1.50
CA GLY B 237 13.77 14.11 -1.95
C GLY B 237 15.02 14.18 -1.09
N SER B 238 14.82 14.13 0.23
CA SER B 238 15.98 14.13 1.12
CA SER B 238 15.92 14.05 1.23
C SER B 238 16.82 12.84 0.99
N ALA B 239 16.20 11.68 0.80
CA ALA B 239 16.93 10.44 0.59
C ALA B 239 17.75 10.46 -0.72
N VAL B 240 17.15 10.94 -1.81
CA VAL B 240 17.89 11.10 -3.07
C VAL B 240 19.04 12.10 -2.91
N GLY B 241 18.81 13.24 -2.25
CA GLY B 241 19.87 14.24 -1.99
C GLY B 241 21.03 13.66 -1.15
N LEU B 242 20.72 12.85 -0.16
CA LEU B 242 21.77 12.19 0.64
C LEU B 242 22.56 11.14 -0.16
N TYR B 243 21.87 10.40 -1.02
CA TYR B 243 22.53 9.49 -1.97
C TYR B 243 23.54 10.24 -2.84
N LYS B 244 23.11 11.35 -3.42
CA LYS B 244 24.01 12.15 -4.28
C LYS B 244 25.22 12.76 -3.52
N ALA B 245 25.00 13.23 -2.29
CA ALA B 245 26.05 13.88 -1.51
C ALA B 245 27.06 12.87 -0.94
N THR B 246 26.64 11.66 -0.61
CA THR B 246 27.48 10.70 0.13
C THR B 246 27.93 9.47 -0.66
N GLY B 247 27.23 9.12 -1.73
CA GLY B 247 27.45 7.85 -2.43
C GLY B 247 26.93 6.60 -1.73
N ASN B 248 26.20 6.71 -0.62
CA ASN B 248 25.79 5.53 0.17
C ASN B 248 24.47 5.00 -0.41
N ALA B 249 24.55 3.77 -0.98
CA ALA B 249 23.43 3.12 -1.67
C ALA B 249 22.20 2.89 -0.79
N VAL B 250 22.38 2.84 0.54
CA VAL B 250 21.23 2.64 1.43
C VAL B 250 20.18 3.78 1.22
N TYR B 251 20.66 5.02 0.98
CA TYR B 251 19.76 6.14 0.80
C TYR B 251 18.90 6.00 -0.48
N LEU B 252 19.47 5.44 -1.54
CA LEU B 252 18.69 5.18 -2.74
C LEU B 252 17.64 4.08 -2.50
N ASP B 253 18.01 3.04 -1.79
CA ASP B 253 17.09 1.98 -1.44
C ASP B 253 15.95 2.57 -0.60
N ASP B 254 16.28 3.48 0.34
CA ASP B 254 15.23 4.16 1.17
C ASP B 254 14.19 4.87 0.26
N ALA B 255 14.68 5.59 -0.72
CA ALA B 255 13.81 6.34 -1.65
C ALA B 255 12.93 5.42 -2.50
N VAL B 256 13.51 4.33 -3.00
CA VAL B 256 12.74 3.34 -3.77
C VAL B 256 11.62 2.74 -2.94
N LYS B 257 11.90 2.34 -1.71
CA LYS B 257 10.84 1.76 -0.85
C LYS B 257 9.67 2.74 -0.62
N ALA B 258 10.01 4.02 -0.42
CA ALA B 258 8.94 5.04 -0.19
C ALA B 258 8.15 5.38 -1.49
N ALA B 259 8.80 5.27 -2.65
CA ALA B 259 8.10 5.46 -3.94
C ALA B 259 7.14 4.28 -4.25
N LYS B 260 7.58 3.04 -3.98
CA LYS B 260 6.73 1.85 -4.11
C LYS B 260 5.53 1.93 -3.18
N PHE B 261 5.76 2.39 -1.94
CA PHE B 261 4.66 2.55 -1.01
C PHE B 261 3.59 3.53 -1.57
N THR B 262 4.06 4.68 -2.09
CA THR B 262 3.18 5.66 -2.65
C THR B 262 2.37 5.05 -3.83
N LYS B 263 3.05 4.45 -4.79
CA LYS B 263 2.40 3.86 -5.99
C LYS B 263 1.36 2.75 -5.69
N ASN B 264 1.64 1.94 -4.65
CA ASN B 264 0.80 0.78 -4.31
C ASN B 264 -0.35 1.12 -3.35
N HIS B 265 -0.17 2.16 -2.51
CA HIS B 265 -1.15 2.46 -1.47
C HIS B 265 -1.87 3.83 -1.53
N LEU B 266 -1.23 4.86 -2.08
CA LEU B 266 -1.81 6.24 -2.07
C LEU B 266 -2.48 6.64 -3.41
N VAL B 267 -3.19 5.65 -3.95
CA VAL B 267 -3.82 5.71 -5.28
C VAL B 267 -5.24 5.13 -5.19
N ASP B 268 -6.07 5.51 -6.15
CA ASP B 268 -7.46 4.96 -6.31
C ASP B 268 -7.45 3.55 -7.01
N SER B 269 -8.62 3.01 -7.31
CA SER B 269 -8.69 1.65 -7.90
C SER B 269 -8.08 1.51 -9.31
N ASN B 270 -7.90 2.61 -10.02
CA ASN B 270 -7.22 2.61 -11.33
C ASN B 270 -5.73 2.99 -11.26
N GLY B 271 -5.17 3.20 -10.07
CA GLY B 271 -3.76 3.59 -9.96
C GLY B 271 -3.47 5.08 -10.11
N VAL B 272 -4.51 5.92 -10.14
CA VAL B 272 -4.35 7.36 -10.19
C VAL B 272 -4.09 7.87 -8.75
N LEU B 273 -3.06 8.68 -8.56
CA LEU B 273 -2.80 9.29 -7.25
C LEU B 273 -4.11 9.86 -6.61
N ASN B 274 -4.30 9.64 -5.31
CA ASN B 274 -5.47 10.11 -4.58
C ASN B 274 -5.70 11.60 -4.68
N TYR B 275 -6.96 12.01 -4.55
CA TYR B 275 -7.32 13.37 -4.19
C TYR B 275 -7.42 13.46 -2.67
N GLU B 276 -6.61 14.34 -2.08
CA GLU B 276 -6.53 14.49 -0.64
C GLU B 276 -7.34 15.64 -0.02
N GLY B 277 -8.23 16.26 -0.79
CA GLY B 277 -9.23 17.17 -0.22
C GLY B 277 -10.23 16.36 0.58
N PRO B 278 -11.09 17.05 1.37
CA PRO B 278 -11.23 18.52 1.30
C PRO B 278 -10.27 19.38 2.13
N ASN B 279 -9.46 18.78 3.00
CA ASN B 279 -8.39 19.54 3.73
C ASN B 279 -7.59 20.49 2.81
N GLY B 280 -7.61 21.79 3.13
CA GLY B 280 -6.98 22.83 2.27
C GLY B 280 -5.47 22.71 2.08
N ASP B 281 -4.77 22.27 3.13
CA ASP B 281 -3.33 22.08 3.10
C ASP B 281 -2.90 20.85 2.27
N LEU B 282 -3.69 19.76 2.34
CA LEU B 282 -3.40 18.52 1.61
C LEU B 282 -3.88 18.49 0.17
N LYS B 283 -4.86 19.32 -0.22
CA LYS B 283 -5.44 19.13 -1.58
C LYS B 283 -4.47 19.35 -2.73
N GLY B 284 -3.48 20.21 -2.52
CA GLY B 284 -2.40 20.45 -3.50
C GLY B 284 -1.09 19.71 -3.25
N GLY B 285 -1.11 18.70 -2.37
CA GLY B 285 0.11 18.01 -1.96
C GLY B 285 0.83 17.24 -3.07
N LYS B 286 0.09 16.79 -4.08
CA LYS B 286 0.69 16.18 -5.27
C LYS B 286 1.74 17.11 -5.90
N THR B 287 1.66 18.42 -5.70
CA THR B 287 2.67 19.34 -6.25
C THR B 287 4.07 18.99 -5.68
N ILE B 288 4.14 18.86 -4.36
CA ILE B 288 5.37 18.50 -3.67
C ILE B 288 5.82 17.05 -4.01
N LEU B 289 4.87 16.11 -4.02
CA LEU B 289 5.20 14.74 -4.36
C LEU B 289 5.80 14.67 -5.78
N MET B 290 5.15 15.28 -6.77
CA MET B 290 5.64 15.20 -8.16
C MET B 290 7.04 15.82 -8.34
N ARG B 291 7.29 16.94 -7.66
CA ARG B 291 8.62 17.59 -7.68
C ARG B 291 9.72 16.60 -7.31
N ASN B 292 9.47 15.84 -6.25
CA ASN B 292 10.46 14.92 -5.68
C ASN B 292 10.56 13.59 -6.42
N LEU B 293 9.42 13.09 -6.92
CA LEU B 293 9.42 11.89 -7.73
C LEU B 293 10.28 12.10 -9.02
N ALA B 294 10.25 13.30 -9.57
CA ALA B 294 11.11 13.63 -10.71
C ALA B 294 12.61 13.47 -10.39
N HIS B 295 13.01 13.85 -9.17
CA HIS B 295 14.41 13.65 -8.78
C HIS B 295 14.80 12.15 -8.75
N LEU B 296 13.92 11.30 -8.19
CA LEU B 296 14.17 9.86 -8.16
C LEU B 296 14.20 9.30 -9.59
N GLN B 297 13.26 9.72 -10.42
CA GLN B 297 13.19 9.22 -11.82
C GLN B 297 14.50 9.52 -12.59
N LYS B 298 14.99 10.76 -12.48
CA LYS B 298 16.25 11.12 -13.11
C LYS B 298 17.44 10.28 -12.59
N THR B 299 17.55 10.11 -11.26
CA THR B 299 18.65 9.30 -10.68
C THR B 299 18.60 7.83 -11.16
N LEU B 300 17.40 7.23 -11.22
CA LEU B 300 17.27 5.86 -11.74
C LEU B 300 17.63 5.75 -13.24
N ASP B 301 17.20 6.73 -14.04
CA ASP B 301 17.49 6.75 -15.48
C ASP B 301 19.00 6.88 -15.70
N GLU B 302 19.65 7.77 -14.93
CA GLU B 302 21.11 8.02 -15.10
C GLU B 302 22.02 6.90 -14.65
N THR B 303 21.70 6.29 -13.50
CA THR B 303 22.53 5.24 -12.91
C THR B 303 22.21 3.84 -13.45
N GLY B 304 21.04 3.67 -14.03
CA GLY B 304 20.57 2.35 -14.41
C GLY B 304 20.28 1.36 -13.29
N GLN B 305 20.18 1.85 -12.06
N GLN B 305 20.13 1.85 -12.07
CA GLN B 305 19.92 0.99 -10.92
CA GLN B 305 19.87 1.00 -10.93
C GLN B 305 18.39 0.72 -10.84
C GLN B 305 18.38 0.72 -10.83
N TYR B 306 18.04 -0.39 -10.17
CA TYR B 306 16.64 -0.82 -10.01
C TYR B 306 15.87 -0.81 -11.35
N PRO B 307 16.43 -1.47 -12.38
CA PRO B 307 15.85 -1.32 -13.74
C PRO B 307 14.39 -1.77 -13.88
N GLU B 308 14.02 -2.87 -13.24
CA GLU B 308 12.63 -3.36 -13.30
C GLU B 308 11.65 -2.33 -12.66
N PHE B 309 11.94 -1.87 -11.43
CA PHE B 309 11.11 -0.83 -10.82
C PHE B 309 11.12 0.49 -11.65
N SER B 310 12.26 0.85 -12.20
CA SER B 310 12.36 2.07 -13.03
C SER B 310 11.36 2.07 -14.20
N ALA B 311 11.26 0.93 -14.89
CA ALA B 311 10.29 0.79 -15.98
C ALA B 311 8.84 0.88 -15.53
N GLU B 312 8.50 0.23 -14.43
CA GLU B 312 7.12 0.31 -13.86
C GLU B 312 6.79 1.75 -13.40
N PHE B 313 7.76 2.36 -12.72
CA PHE B 313 7.65 3.72 -12.15
C PHE B 313 7.44 4.72 -13.30
N ASP B 314 8.24 4.64 -14.36
CA ASP B 314 8.12 5.60 -15.51
C ASP B 314 6.75 5.49 -16.16
N GLU B 315 6.26 4.26 -16.31
CA GLU B 315 4.96 3.99 -16.96
C GLU B 315 3.81 4.51 -16.09
N TRP B 316 3.91 4.29 -14.78
CA TRP B 316 2.90 4.80 -13.85
C TRP B 316 2.88 6.32 -13.76
N LEU B 317 4.04 6.98 -13.75
CA LEU B 317 4.10 8.47 -13.77
C LEU B 317 3.46 9.01 -15.05
N ALA B 318 3.86 8.45 -16.19
CA ALA B 318 3.32 8.92 -17.49
C ALA B 318 1.80 8.75 -17.56
N PHE B 319 1.29 7.65 -17.05
CA PHE B 319 -0.18 7.40 -16.98
C PHE B 319 -0.89 8.49 -16.14
N ASN B 320 -0.31 8.80 -14.98
CA ASN B 320 -0.81 9.86 -14.13
C ASN B 320 -0.81 11.26 -14.77
N ILE B 321 0.30 11.62 -15.40
CA ILE B 321 0.43 12.93 -16.05
C ILE B 321 -0.58 13.06 -17.22
N GLU B 322 -0.71 11.99 -17.99
CA GLU B 322 -1.67 12.01 -19.13
C GLU B 322 -3.12 12.06 -18.63
N MET B 323 -3.44 11.35 -17.55
CA MET B 323 -4.79 11.43 -16.97
C MET B 323 -5.10 12.87 -16.51
N ALA B 324 -4.16 13.50 -15.80
CA ALA B 324 -4.33 14.89 -15.38
C ALA B 324 -4.62 15.84 -16.55
N TRP B 325 -3.77 15.76 -17.57
CA TRP B 325 -3.93 16.70 -18.71
CA TRP B 325 -3.78 16.55 -18.85
C TRP B 325 -5.14 16.44 -19.60
N SER B 326 -5.66 15.23 -19.57
CA SER B 326 -6.93 14.92 -20.24
C SER B 326 -8.15 15.59 -19.60
N HIS B 327 -8.00 16.00 -18.32
CA HIS B 327 -9.04 16.70 -17.56
C HIS B 327 -8.87 18.23 -17.50
N GLN B 328 -8.03 18.79 -18.38
CA GLN B 328 -7.90 20.25 -18.48
C GLN B 328 -9.20 20.85 -18.99
N ASN B 329 -9.51 22.05 -18.54
CA ASN B 329 -10.64 22.81 -19.09
C ASN B 329 -10.14 23.64 -20.29
N SER B 330 -11.02 24.49 -20.84
CA SER B 330 -10.69 25.28 -22.02
C SER B 330 -9.69 26.42 -21.75
N ASP B 331 -9.44 26.76 -20.49
CA ASP B 331 -8.36 27.69 -20.09
C ASP B 331 -7.02 26.99 -19.77
N HIS B 332 -6.94 25.68 -19.99
CA HIS B 332 -5.73 24.86 -19.74
C HIS B 332 -5.36 24.80 -18.25
N ILE B 333 -6.40 24.80 -17.41
CA ILE B 333 -6.29 24.61 -15.96
C ILE B 333 -6.84 23.21 -15.59
N VAL B 334 -6.12 22.51 -14.70
CA VAL B 334 -6.49 21.17 -14.25
C VAL B 334 -6.75 21.19 -12.77
N ASP B 335 -7.98 20.84 -12.37
CA ASP B 335 -8.32 20.70 -10.94
C ASP B 335 -7.54 19.54 -10.33
N GLY B 336 -7.29 19.61 -9.03
CA GLY B 336 -6.48 18.59 -8.34
C GLY B 336 -7.11 17.21 -8.20
N ASN B 337 -8.44 17.11 -8.40
CA ASN B 337 -9.09 15.80 -8.44
C ASN B 337 -8.92 15.25 -9.88
N TRP B 338 -7.75 14.63 -10.11
CA TRP B 338 -7.31 14.18 -11.43
C TRP B 338 -8.18 13.09 -12.05
N ALA B 339 -8.87 12.31 -11.20
CA ALA B 339 -9.83 11.30 -11.71
C ALA B 339 -11.23 11.86 -12.06
N GLY B 340 -11.52 13.09 -11.67
CA GLY B 340 -12.89 13.57 -11.58
C GLY B 340 -13.47 14.15 -12.84
N GLN B 341 -14.57 14.89 -12.68
CA GLN B 341 -15.23 15.59 -13.80
C GLN B 341 -14.36 16.80 -14.23
N LEU B 342 -14.53 17.25 -15.47
CA LEU B 342 -13.85 18.44 -15.95
C LEU B 342 -14.20 19.65 -15.08
N LEU B 343 -13.18 20.42 -14.72
CA LEU B 343 -13.34 21.60 -13.88
C LEU B 343 -14.16 22.70 -14.55
N SER B 344 -15.14 23.23 -13.81
CA SER B 344 -15.82 24.52 -14.11
C SER B 344 -16.08 25.37 -12.83
N GLY B 345 -16.58 26.60 -12.96
CA GLY B 345 -16.78 27.52 -11.82
C GLY B 345 -15.45 28.06 -11.25
N THR B 346 -15.32 28.13 -9.91
CA THR B 346 -14.10 28.65 -9.27
C THR B 346 -12.89 27.65 -9.26
N TYR B 347 -11.73 28.07 -9.79
CA TYR B 347 -10.52 27.22 -9.76
C TYR B 347 -9.60 27.68 -8.64
N GLU B 348 -8.89 26.74 -7.99
CA GLU B 348 -8.01 27.08 -6.89
C GLU B 348 -6.52 26.91 -7.26
N SER B 349 -5.68 27.84 -6.81
CA SER B 349 -4.25 27.79 -7.20
C SER B 349 -3.44 26.59 -6.61
N TRP B 350 -3.69 26.20 -5.37
CA TRP B 350 -2.89 25.10 -4.80
C TRP B 350 -3.31 23.76 -5.44
N SER B 351 -4.61 23.47 -5.45
CA SER B 351 -5.13 22.25 -6.11
C SER B 351 -4.64 22.10 -7.59
N SER B 352 -4.64 23.23 -8.32
CA SER B 352 -4.30 23.30 -9.78
C SER B 352 -2.82 23.30 -10.11
N ALA B 353 -1.98 23.61 -9.11
CA ALA B 353 -0.51 23.61 -9.30
C ALA B 353 0.07 22.23 -9.63
N ALA B 354 -0.52 21.15 -9.09
CA ALA B 354 0.08 19.80 -9.26
C ALA B 354 0.24 19.38 -10.72
N ALA B 355 -0.77 19.69 -11.54
CA ALA B 355 -0.66 19.31 -12.95
C ALA B 355 0.42 20.15 -13.71
N VAL B 356 0.65 21.39 -13.29
CA VAL B 356 1.67 22.25 -13.88
C VAL B 356 3.08 21.72 -13.49
N GLN B 357 3.24 21.40 -12.22
CA GLN B 357 4.49 20.80 -11.72
C GLN B 357 4.83 19.51 -12.50
N ALA B 358 3.81 18.68 -12.72
CA ALA B 358 4.00 17.38 -13.36
C ALA B 358 4.57 17.49 -14.78
N LEU B 359 4.24 18.59 -15.49
CA LEU B 359 4.75 18.86 -16.84
C LEU B 359 6.07 19.67 -16.91
N ASN B 360 6.57 20.09 -15.76
CA ASN B 360 7.82 20.80 -15.61
C ASN B 360 8.82 20.00 -14.79
N GLY B 361 8.79 18.68 -15.02
CA GLY B 361 9.67 17.75 -14.33
C GLY B 361 11.10 17.90 -14.75
O2 7K2 C . 2.13 -19.93 -9.76
C2 7K2 C . 1.30 -20.56 -8.75
C3 7K2 C . 0.76 -19.48 -7.82
O3 7K2 C . 1.84 -18.79 -7.17
C4 7K2 C . -0.19 -18.56 -8.59
O4 7K2 C . -0.88 -17.68 -7.68
C5 7K2 C . -1.24 -19.39 -9.34
C6 7K2 C . -2.20 -18.52 -10.15
O5 7K2 C . -0.70 -20.46 -10.15
C1 7K2 C . 0.15 -21.37 -9.42
S1 7K2 C . -0.72 -22.36 -8.20
C6A 7K2 C . -1.92 -23.24 -9.19
C5A 7K2 C . -1.56 -24.72 -9.45
C1A 7K2 C . -1.72 -25.50 -8.14
N 7K2 C . -1.40 -26.91 -8.41
C2A 7K2 C . -2.19 -27.64 -9.46
C3A 7K2 C . -2.07 -26.84 -10.76
O3A 7K2 C . -2.87 -27.52 -11.77
C4A 7K2 C . -2.43 -25.36 -10.54
O4A 7K2 C . -2.28 -24.64 -11.82
O6 7K2 C . -1.43 -17.76 -11.07
O2 7K2 D . -0.53 18.87 11.52
C2 7K2 D . 0.26 19.49 10.51
C3 7K2 D . 0.80 18.42 9.53
O3 7K2 D . 1.53 17.42 10.23
C4 7K2 D . -0.37 17.86 8.71
O4 7K2 D . 0.17 16.98 7.67
C5 7K2 D . -1.20 18.99 8.06
C6 7K2 D . -2.46 18.53 7.35
O5 7K2 D . -1.62 19.95 9.02
C1 7K2 D . -0.50 20.58 9.76
S1 7K2 D . 0.63 21.52 8.70
C6A 7K2 D . -0.45 22.78 8.07
C5A 7K2 D . -0.25 24.17 8.71
C1A 7K2 D . 1.15 24.77 8.43
N 7K2 D . 1.29 26.19 8.94
C2A 7K2 D . 0.23 27.15 8.56
C3A 7K2 D . -1.15 26.54 8.93
O3A 7K2 D . -2.20 27.42 8.54
C4A 7K2 D . -1.32 25.16 8.27
O4A 7K2 D . -2.61 24.70 8.64
O6 7K2 D . -3.30 17.73 8.20
#